data_4DYB
#
_entry.id   4DYB
#
_cell.length_a   145.796
_cell.length_b   145.796
_cell.length_c   145.796
_cell.angle_alpha   90.000
_cell.angle_beta   90.000
_cell.angle_gamma   90.000
#
_symmetry.space_group_name_H-M   'P 21 3'
#
loop_
_entity.id
_entity.type
_entity.pdbx_description
1 polymer 'Nucleocapsid protein'
2 non-polymer N-[4-chloranyl-5-[4-[[3-(2-methoxyphenyl)-5-methyl-1,2-oxazol-4-yl]carbonyl]piperazin-1-yl]-2-nitro-phenyl]thiophene-2-carboxamide
3 water water
#
_entity_poly.entity_id   1
_entity_poly.type   'polypeptide(L)'
_entity_poly.pdbx_seq_one_letter_code
;RSYEQMETDGERQNATEIRASVGKMIDGIGRFYIQMCTELKLSDYEGRLIQNSLTIERMVLSAFDERRNKYLEEHPSAGK
DPKKTGGPIYRRVDGKWRRELILYDKEEIRRIWRQANNGDDATAGLTHMMIWHSNLNDATYQRTRALVRTGMDPRMCSLM
QGSTLPRRSGAAGAAVKGVGTMVMELIRMIKRGINDRNFWRGENGRRTRIAYERMCNILKGKFQTAAQRTMVDQVRESRN
PGNAEFEDLIFLARSALILRGSVAHKSCLPACVYGSAVASGYDFEREGYSLVGIDPFRLLQNSQVYSLIRPNENPAHKSQ
LVWMACHSAAFEDLRVSSFIRGTKVVPRGKLSTRGVQIASNENMETMESSTLELRSRYWAIRTRSGGNTNQQRASSGQIS
IQPTFSVQRNLPFDRPTIMAAFTGNTEGRTSDMRTEIIRLMESARPEDVSFQGRGVFELSDEKATSPIVPSFDMSNEGSY
FFGDNAEEYDNLEHHHHHH
;
_entity_poly.pdbx_strand_id   A,B
#
# COMPACT_ATOMS: atom_id res chain seq x y z
N ALA A 15 -19.52 -15.35 -19.42
CA ALA A 15 -18.58 -15.01 -18.31
C ALA A 15 -17.18 -14.76 -18.88
N THR A 16 -16.62 -15.76 -19.57
CA THR A 16 -15.38 -15.61 -20.33
C THR A 16 -15.56 -14.54 -21.43
N GLU A 17 -16.72 -14.54 -22.07
CA GLU A 17 -17.07 -13.55 -23.11
C GLU A 17 -17.30 -12.15 -22.53
N ILE A 18 -17.93 -12.10 -21.36
CA ILE A 18 -18.17 -10.83 -20.67
C ILE A 18 -16.84 -10.23 -20.22
N ARG A 19 -15.96 -11.08 -19.69
CA ARG A 19 -14.65 -10.67 -19.21
C ARG A 19 -13.75 -10.21 -20.34
N ALA A 20 -13.94 -10.80 -21.52
CA ALA A 20 -13.24 -10.42 -22.74
C ALA A 20 -13.47 -8.95 -23.11
N SER A 21 -14.74 -8.56 -23.27
CA SER A 21 -15.07 -7.21 -23.71
C SER A 21 -14.83 -6.16 -22.62
N VAL A 22 -15.16 -6.49 -21.37
CA VAL A 22 -14.86 -5.60 -20.24
C VAL A 22 -13.35 -5.31 -20.21
N GLY A 23 -12.55 -6.35 -20.33
CA GLY A 23 -11.09 -6.22 -20.40
C GLY A 23 -10.63 -5.42 -21.60
N LYS A 24 -11.44 -5.44 -22.65
CA LYS A 24 -11.12 -4.71 -23.88
C LYS A 24 -11.34 -3.21 -23.68
N MET A 25 -12.39 -2.83 -22.96
CA MET A 25 -12.67 -1.41 -22.75
C MET A 25 -11.74 -0.75 -21.72
N ILE A 26 -11.38 -1.49 -20.68
CA ILE A 26 -10.41 -0.99 -19.70
C ILE A 26 -9.03 -0.86 -20.33
N ASP A 27 -8.71 -1.77 -21.25
CA ASP A 27 -7.47 -1.73 -22.00
C ASP A 27 -7.43 -0.48 -22.88
N GLY A 28 -8.58 -0.12 -23.44
CA GLY A 28 -8.73 1.09 -24.24
C GLY A 28 -8.57 2.36 -23.42
N ILE A 29 -9.18 2.39 -22.24
CA ILE A 29 -9.06 3.52 -21.31
C ILE A 29 -7.59 3.68 -20.90
N GLY A 30 -6.94 2.56 -20.61
CA GLY A 30 -5.54 2.54 -20.23
C GLY A 30 -4.61 3.16 -21.26
N ARG A 31 -4.71 2.69 -22.51
CA ARG A 31 -3.89 3.19 -23.61
C ARG A 31 -4.08 4.69 -23.80
N PHE A 32 -5.34 5.13 -23.76
CA PHE A 32 -5.68 6.54 -23.90
C PHE A 32 -5.02 7.41 -22.83
N TYR A 33 -5.04 6.93 -21.59
CA TYR A 33 -4.49 7.71 -20.49
C TYR A 33 -2.97 7.84 -20.62
N ILE A 34 -2.30 6.73 -20.92
CA ILE A 34 -0.86 6.74 -21.20
C ILE A 34 -0.53 7.73 -22.30
N GLN A 35 -1.27 7.63 -23.41
CA GLN A 35 -1.10 8.52 -24.54
C GLN A 35 -1.23 9.97 -24.09
N MET A 36 -2.32 10.26 -23.37
CA MET A 36 -2.59 11.60 -22.87
C MET A 36 -1.51 12.10 -21.91
N CYS A 37 -0.94 11.17 -21.14
CA CYS A 37 0.11 11.50 -20.16
C CYS A 37 1.41 11.91 -20.83
N THR A 38 1.73 11.28 -21.95
CA THR A 38 2.90 11.65 -22.74
C THR A 38 2.67 12.96 -23.51
N GLU A 39 1.46 13.12 -24.05
CA GLU A 39 1.04 14.35 -24.72
C GLU A 39 1.25 15.57 -23.84
N LEU A 40 1.06 15.39 -22.53
CA LEU A 40 1.24 16.47 -21.56
C LEU A 40 2.60 16.40 -20.86
N LYS A 41 3.45 15.47 -21.30
CA LYS A 41 4.79 15.28 -20.74
C LYS A 41 4.80 15.22 -19.22
N LEU A 42 3.85 14.50 -18.64
CA LEU A 42 3.73 14.32 -17.20
C LEU A 42 4.60 13.17 -16.72
N SER A 43 5.14 13.31 -15.51
CA SER A 43 5.87 12.22 -14.88
C SER A 43 4.89 11.14 -14.41
N ASP A 44 5.39 9.91 -14.22
CA ASP A 44 4.56 8.81 -13.75
C ASP A 44 3.81 9.16 -12.46
N TYR A 45 4.51 9.78 -11.50
CA TYR A 45 3.89 10.24 -10.26
C TYR A 45 2.78 11.22 -10.55
N GLU A 46 3.10 12.24 -11.35
CA GLU A 46 2.14 13.26 -11.74
C GLU A 46 0.95 12.66 -12.47
N GLY A 47 1.20 11.69 -13.33
CA GLY A 47 0.14 10.97 -14.03
C GLY A 47 -0.81 10.24 -13.11
N ARG A 48 -0.29 9.85 -11.94
CA ARG A 48 -1.06 9.10 -10.95
C ARG A 48 -1.56 10.00 -9.81
N LEU A 49 -1.79 11.28 -10.13
CA LEU A 49 -2.44 12.20 -9.23
C LEU A 49 -3.92 12.24 -9.63
N ILE A 50 -4.79 11.93 -8.67
CA ILE A 50 -6.24 11.79 -8.92
C ILE A 50 -6.83 13.05 -9.57
N GLN A 51 -6.33 14.22 -9.18
CA GLN A 51 -6.79 15.49 -9.76
C GLN A 51 -6.43 15.63 -11.24
N ASN A 52 -5.28 15.08 -11.63
CA ASN A 52 -4.88 15.06 -13.03
C ASN A 52 -5.71 14.09 -13.87
N SER A 53 -5.98 12.93 -13.30
CA SER A 53 -6.77 11.90 -13.97
C SER A 53 -8.18 12.39 -14.29
N LEU A 54 -8.80 13.05 -13.32
CA LEU A 54 -10.15 13.61 -13.46
C LEU A 54 -10.27 14.65 -14.58
N THR A 55 -9.26 15.51 -14.69
CA THR A 55 -9.21 16.53 -15.74
C THR A 55 -9.06 15.90 -17.12
N ILE A 56 -8.26 14.84 -17.21
CA ILE A 56 -8.09 14.10 -18.45
C ILE A 56 -9.37 13.34 -18.77
N GLU A 57 -9.98 12.75 -17.75
CA GLU A 57 -11.29 12.11 -17.87
C GLU A 57 -12.34 13.11 -18.33
N ARG A 58 -12.30 14.31 -17.75
CA ARG A 58 -13.23 15.38 -18.10
C ARG A 58 -13.12 15.77 -19.57
N MET A 59 -11.87 15.90 -20.04
CA MET A 59 -11.58 16.30 -21.41
C MET A 59 -12.19 15.38 -22.48
N VAL A 60 -11.94 14.09 -22.35
CA VAL A 60 -12.48 13.10 -23.30
C VAL A 60 -14.01 12.97 -23.21
N LEU A 61 -14.56 13.29 -22.04
CA LEU A 61 -16.01 13.26 -21.86
C LEU A 61 -16.67 14.52 -22.42
N SER A 62 -16.01 15.66 -22.22
CA SER A 62 -16.46 16.95 -22.75
C SER A 62 -16.31 16.97 -24.27
N ALA A 63 -15.22 16.38 -24.78
CA ALA A 63 -14.96 16.31 -26.23
C ALA A 63 -16.00 15.47 -26.98
N PHE A 64 -16.77 14.69 -26.23
CA PHE A 64 -17.92 13.97 -26.77
C PHE A 64 -19.18 14.54 -26.12
N LYS A 84 -12.75 23.39 -28.74
CA LYS A 84 -11.68 23.28 -27.75
C LYS A 84 -12.20 23.02 -26.34
N THR A 85 -11.35 22.42 -25.50
CA THR A 85 -11.68 22.11 -24.11
C THR A 85 -10.42 21.91 -23.25
N GLY A 86 -10.60 21.83 -21.94
CA GLY A 86 -9.46 21.65 -21.04
C GLY A 86 -9.82 21.66 -19.57
N GLY A 87 -8.86 22.05 -18.74
CA GLY A 87 -9.02 22.06 -17.30
C GLY A 87 -7.67 22.12 -16.61
N PRO A 88 -7.67 22.21 -15.27
CA PRO A 88 -6.42 22.31 -14.51
C PRO A 88 -5.58 21.03 -14.53
N ILE A 89 -4.31 21.18 -14.87
CA ILE A 89 -3.34 20.09 -14.81
C ILE A 89 -2.21 20.49 -13.85
N TYR A 90 -1.95 19.64 -12.87
CA TYR A 90 -1.07 19.99 -11.76
C TYR A 90 0.30 19.33 -11.87
N ARG A 91 1.34 20.16 -11.88
CA ARG A 91 2.72 19.70 -12.03
C ARG A 91 3.54 19.98 -10.78
N ARG A 92 4.43 19.04 -10.46
CA ARG A 92 5.42 19.23 -9.42
C ARG A 92 6.58 20.05 -9.98
N VAL A 93 6.63 21.32 -9.63
CA VAL A 93 7.66 22.23 -10.13
C VAL A 93 8.44 22.89 -8.99
N ASP A 94 9.76 22.71 -9.02
CA ASP A 94 10.69 23.40 -8.10
C ASP A 94 10.34 23.26 -6.62
N GLY A 95 9.94 22.05 -6.22
CA GLY A 95 9.56 21.77 -4.83
C GLY A 95 8.19 22.30 -4.44
N LYS A 96 7.41 22.75 -5.43
CA LYS A 96 6.08 23.27 -5.19
C LYS A 96 5.08 22.72 -6.21
N TRP A 97 3.80 22.72 -5.84
CA TRP A 97 2.74 22.29 -6.75
C TRP A 97 2.20 23.47 -7.55
N ARG A 98 2.24 23.35 -8.87
CA ARG A 98 1.80 24.42 -9.77
C ARG A 98 0.61 23.99 -10.63
N ARG A 99 -0.30 24.93 -10.83
CA ARG A 99 -1.52 24.70 -11.62
C ARG A 99 -1.36 25.31 -13.01
N GLU A 100 -1.96 24.65 -14.00
CA GLU A 100 -1.98 25.13 -15.37
C GLU A 100 -3.24 24.63 -16.04
N LEU A 101 -3.98 25.54 -16.69
CA LEU A 101 -5.21 25.16 -17.39
C LEU A 101 -4.97 24.99 -18.89
N ILE A 102 -4.60 23.77 -19.28
CA ILE A 102 -4.29 23.43 -20.67
C ILE A 102 -5.54 23.44 -21.54
N LEU A 103 -5.34 23.49 -22.87
CA LEU A 103 -6.44 23.47 -23.82
C LEU A 103 -6.14 22.57 -25.01
N TYR A 104 -7.09 21.70 -25.35
CA TYR A 104 -6.98 20.78 -26.48
C TYR A 104 -8.16 20.89 -27.43
N ASP A 105 -7.88 20.76 -28.72
CA ASP A 105 -8.95 20.74 -29.71
C ASP A 105 -9.75 19.45 -29.59
N LYS A 106 -11.08 19.58 -29.50
CA LYS A 106 -11.98 18.44 -29.31
C LYS A 106 -11.86 17.39 -30.40
N GLU A 107 -11.53 17.82 -31.62
CA GLU A 107 -11.29 16.91 -32.75
C GLU A 107 -10.08 16.02 -32.47
N GLU A 108 -9.04 16.61 -31.86
CA GLU A 108 -7.82 15.87 -31.57
C GLU A 108 -8.02 14.84 -30.45
N ILE A 109 -8.75 15.21 -29.41
CA ILE A 109 -9.07 14.30 -28.31
C ILE A 109 -9.90 13.12 -28.83
N ARG A 110 -10.95 13.42 -29.58
CA ARG A 110 -11.81 12.41 -30.18
C ARG A 110 -11.02 11.40 -31.01
N ARG A 111 -10.02 11.89 -31.74
CA ARG A 111 -9.11 11.04 -32.51
C ARG A 111 -8.28 10.16 -31.58
N ILE A 112 -7.73 10.77 -30.53
CA ILE A 112 -6.88 10.05 -29.57
C ILE A 112 -7.65 8.93 -28.83
N TRP A 113 -8.93 9.16 -28.57
CA TRP A 113 -9.78 8.15 -27.92
C TRP A 113 -10.14 7.03 -28.88
N ARG A 114 -10.53 7.38 -30.11
CA ARG A 114 -10.85 6.39 -31.14
C ARG A 114 -9.68 5.46 -31.41
N GLN A 115 -8.47 6.03 -31.45
CA GLN A 115 -7.29 5.28 -31.85
C GLN A 115 -6.65 4.44 -30.74
N ALA A 116 -6.87 4.85 -29.49
CA ALA A 116 -6.42 4.04 -28.35
C ALA A 116 -7.35 2.84 -28.17
N ASN A 117 -8.56 2.97 -28.72
CA ASN A 117 -9.56 1.92 -28.69
C ASN A 117 -9.65 1.19 -30.02
N ASN A 118 -8.48 0.85 -30.56
CA ASN A 118 -8.36 0.07 -31.80
C ASN A 118 -9.36 0.50 -32.88
N GLY A 119 -9.25 1.76 -33.30
CA GLY A 119 -10.09 2.32 -34.35
C GLY A 119 -11.51 2.70 -33.95
N ASP A 120 -12.22 1.77 -33.30
CA ASP A 120 -13.65 1.91 -32.98
C ASP A 120 -13.99 3.16 -32.16
N ASP A 121 -15.24 3.62 -32.32
CA ASP A 121 -15.77 4.77 -31.59
C ASP A 121 -15.75 4.59 -30.07
N ALA A 122 -16.08 3.37 -29.63
CA ALA A 122 -16.03 2.94 -28.21
C ALA A 122 -16.71 3.89 -27.22
N THR A 123 -18.02 3.78 -27.12
CA THR A 123 -18.80 4.56 -26.15
C THR A 123 -18.84 3.87 -24.77
N ALA A 124 -18.40 2.61 -24.73
CA ALA A 124 -18.44 1.81 -23.52
C ALA A 124 -17.55 2.38 -22.42
N GLY A 125 -16.26 2.55 -22.71
CA GLY A 125 -15.30 3.09 -21.76
C GLY A 125 -15.62 4.51 -21.33
N LEU A 126 -16.27 5.25 -22.22
CA LEU A 126 -16.70 6.62 -21.96
C LEU A 126 -17.74 6.65 -20.85
N THR A 127 -18.73 5.76 -20.94
CA THR A 127 -19.77 5.65 -19.92
C THR A 127 -19.22 5.03 -18.63
N HIS A 128 -18.17 4.22 -18.76
CA HIS A 128 -17.46 3.67 -17.61
C HIS A 128 -16.81 4.77 -16.79
N MET A 129 -16.27 5.77 -17.48
CA MET A 129 -15.64 6.92 -16.82
C MET A 129 -16.68 7.90 -16.28
N MET A 130 -17.90 7.83 -16.84
CA MET A 130 -19.02 8.61 -16.34
C MET A 130 -19.54 8.04 -15.03
N ILE A 131 -19.63 6.71 -14.97
CA ILE A 131 -20.08 5.99 -13.78
C ILE A 131 -19.08 6.17 -12.63
N TRP A 132 -17.79 6.19 -12.95
CA TRP A 132 -16.76 6.53 -11.98
C TRP A 132 -17.00 7.93 -11.38
N HIS A 133 -17.30 8.90 -12.23
CA HIS A 133 -17.59 10.27 -11.77
C HIS A 133 -18.88 10.33 -10.97
N SER A 134 -19.86 9.53 -11.38
CA SER A 134 -21.13 9.43 -10.69
C SER A 134 -20.92 8.90 -9.27
N ASN A 135 -20.11 7.86 -9.15
CA ASN A 135 -19.82 7.24 -7.86
C ASN A 135 -19.10 8.20 -6.91
N LEU A 136 -18.15 8.97 -7.44
CA LEU A 136 -17.47 10.00 -6.65
C LEU A 136 -18.44 11.11 -6.23
N ASN A 137 -19.31 11.52 -7.15
CA ASN A 137 -20.36 12.49 -6.83
C ASN A 137 -21.25 11.99 -5.70
N ASP A 138 -21.70 10.75 -5.84
CA ASP A 138 -22.57 10.12 -4.84
C ASP A 138 -21.90 10.06 -3.47
N ALA A 139 -20.58 9.88 -3.46
CA ALA A 139 -19.81 9.81 -2.22
C ALA A 139 -19.49 11.20 -1.63
N THR A 140 -19.46 12.22 -2.49
CA THR A 140 -19.04 13.55 -2.07
C THR A 140 -20.21 14.47 -1.71
N TYR A 141 -21.17 14.60 -2.62
CA TYR A 141 -22.21 15.62 -2.49
C TYR A 141 -23.59 15.05 -2.17
N GLN A 142 -24.23 15.63 -1.16
CA GLN A 142 -25.65 15.42 -0.91
C GLN A 142 -26.43 16.28 -1.91
N ARG A 143 -27.41 15.69 -2.57
CA ARG A 143 -28.18 16.40 -3.58
C ARG A 143 -29.61 16.70 -3.14
N THR A 144 -29.74 17.31 -1.97
CA THR A 144 -31.03 17.67 -1.38
C THR A 144 -31.74 18.77 -2.16
N ARG A 145 -30.98 19.77 -2.61
CA ARG A 145 -31.51 20.88 -3.39
C ARG A 145 -32.18 20.40 -4.69
N ALA A 146 -31.60 19.38 -5.32
CA ALA A 146 -32.19 18.76 -6.50
C ALA A 146 -33.45 17.98 -6.13
N LEU A 147 -33.39 17.29 -4.98
CA LEU A 147 -34.50 16.47 -4.48
C LEU A 147 -35.76 17.28 -4.18
N VAL A 148 -35.59 18.41 -3.49
CA VAL A 148 -36.73 19.26 -3.10
C VAL A 148 -37.43 19.95 -4.27
N ARG A 149 -36.67 20.33 -5.29
CA ARG A 149 -37.21 20.92 -6.52
C ARG A 149 -38.13 19.93 -7.24
N THR A 150 -37.75 18.66 -7.23
CA THR A 150 -38.51 17.58 -7.88
C THR A 150 -39.65 17.07 -6.99
N GLY A 151 -39.78 17.64 -5.79
CA GLY A 151 -40.84 17.27 -4.86
C GLY A 151 -40.55 16.02 -4.05
N MET A 152 -39.27 15.66 -3.98
CA MET A 152 -38.85 14.44 -3.29
C MET A 152 -38.29 14.73 -1.89
N ASP A 153 -38.38 13.74 -1.01
CA ASP A 153 -37.83 13.79 0.34
C ASP A 153 -36.31 13.70 0.27
N PRO A 154 -35.60 14.67 0.88
CA PRO A 154 -34.13 14.68 0.89
C PRO A 154 -33.48 13.54 1.67
N ARG A 155 -34.30 12.66 2.26
CA ARG A 155 -33.80 11.51 3.02
C ARG A 155 -33.73 10.26 2.14
N MET A 156 -33.95 10.46 0.83
CA MET A 156 -33.97 9.37 -0.14
C MET A 156 -32.63 9.19 -0.84
N CYS A 157 -31.57 9.77 -0.27
CA CYS A 157 -30.25 9.75 -0.91
C CYS A 157 -29.75 8.34 -1.27
N SER A 158 -30.15 7.35 -0.48
CA SER A 158 -29.76 5.96 -0.76
C SER A 158 -30.39 5.42 -2.04
N LEU A 159 -31.44 6.09 -2.50
CA LEU A 159 -32.09 5.75 -3.76
C LEU A 159 -31.48 6.49 -4.94
N MET A 160 -30.48 7.34 -4.67
CA MET A 160 -30.06 8.34 -5.64
C MET A 160 -28.79 8.04 -6.45
N GLN A 161 -28.37 6.79 -6.47
CA GLN A 161 -27.19 6.43 -7.25
C GLN A 161 -27.35 6.90 -8.70
N GLY A 162 -26.35 7.63 -9.19
CA GLY A 162 -26.30 8.04 -10.58
C GLY A 162 -27.21 9.19 -10.96
N SER A 163 -27.52 10.04 -9.98
CA SER A 163 -28.41 11.18 -10.20
C SER A 163 -27.72 12.31 -10.96
N THR A 164 -26.39 12.39 -10.84
CA THR A 164 -25.57 13.39 -11.54
C THR A 164 -25.21 12.90 -12.93
N LEU A 165 -25.48 11.63 -13.16
CA LEU A 165 -25.28 10.99 -14.45
C LEU A 165 -26.39 11.46 -15.40
N PRO A 166 -26.05 11.76 -16.67
CA PRO A 166 -27.04 12.32 -17.59
C PRO A 166 -28.24 11.39 -17.80
N ARG A 167 -29.38 11.99 -18.12
CA ARG A 167 -30.57 11.23 -18.49
C ARG A 167 -30.26 10.45 -19.75
N ARG A 168 -30.80 9.23 -19.83
CA ARG A 168 -30.56 8.34 -20.97
C ARG A 168 -29.06 8.28 -21.32
N SER A 169 -28.28 7.77 -20.36
CA SER A 169 -26.87 7.52 -20.56
C SER A 169 -26.70 6.21 -21.34
N GLY A 170 -25.74 5.38 -20.93
CA GLY A 170 -25.57 4.06 -21.54
C GLY A 170 -26.43 3.02 -20.85
N ALA A 171 -26.42 1.79 -21.38
CA ALA A 171 -27.10 0.66 -20.76
C ALA A 171 -26.52 0.38 -19.37
N ALA A 172 -25.20 0.47 -19.26
CA ALA A 172 -24.49 0.36 -17.99
C ALA A 172 -24.89 1.49 -17.05
N GLY A 173 -25.15 2.66 -17.63
CA GLY A 173 -25.61 3.82 -16.88
C GLY A 173 -27.02 3.62 -16.35
N ALA A 174 -27.88 3.01 -17.16
CA ALA A 174 -29.24 2.65 -16.77
C ALA A 174 -29.22 1.62 -15.65
N ALA A 175 -28.30 0.65 -15.78
CA ALA A 175 -28.15 -0.43 -14.80
C ALA A 175 -27.77 0.08 -13.41
N VAL A 176 -26.98 1.14 -13.39
CA VAL A 176 -26.36 1.66 -12.18
C VAL A 176 -27.22 2.70 -11.45
N LYS A 177 -28.24 3.22 -12.13
CA LYS A 177 -29.10 4.26 -11.57
C LYS A 177 -30.05 3.71 -10.51
N GLY A 178 -30.06 4.34 -9.35
CA GLY A 178 -30.96 3.98 -8.27
C GLY A 178 -32.42 4.27 -8.60
N VAL A 179 -33.30 3.68 -7.81
CA VAL A 179 -34.75 3.89 -7.97
C VAL A 179 -35.13 5.37 -7.93
N GLY A 180 -34.52 6.11 -7.00
CA GLY A 180 -34.80 7.52 -6.83
C GLY A 180 -34.37 8.37 -8.00
N THR A 181 -33.21 8.05 -8.57
CA THR A 181 -32.71 8.72 -9.77
C THR A 181 -33.74 8.62 -10.89
N MET A 182 -34.22 7.41 -11.14
CA MET A 182 -35.26 7.13 -12.12
C MET A 182 -36.54 7.93 -11.88
N VAL A 183 -37.03 7.91 -10.64
CA VAL A 183 -38.21 8.68 -10.22
C VAL A 183 -37.98 10.19 -10.45
N MET A 184 -36.82 10.69 -10.05
CA MET A 184 -36.45 12.09 -10.25
C MET A 184 -36.46 12.49 -11.72
N GLU A 185 -35.89 11.63 -12.56
CA GLU A 185 -35.83 11.83 -14.01
C GLU A 185 -37.23 11.89 -14.62
N LEU A 186 -38.10 11.01 -14.15
CA LEU A 186 -39.48 10.92 -14.66
C LEU A 186 -40.34 12.12 -14.27
N ILE A 187 -40.12 12.68 -13.08
CA ILE A 187 -40.88 13.86 -12.63
C ILE A 187 -40.42 15.10 -13.41
N ARG A 188 -39.12 15.18 -13.67
CA ARG A 188 -38.55 16.23 -14.52
C ARG A 188 -39.23 16.23 -15.89
N MET A 189 -39.53 15.05 -16.40
CA MET A 189 -40.32 14.88 -17.62
C MET A 189 -41.71 15.47 -17.45
N ILE A 190 -42.46 14.93 -16.49
CA ILE A 190 -43.81 15.37 -16.16
C ILE A 190 -43.92 16.89 -15.99
N LYS A 191 -42.86 17.51 -15.48
CA LYS A 191 -42.81 18.96 -15.27
C LYS A 191 -42.47 19.73 -16.55
N GLY A 205 -42.99 16.04 -31.46
CA GLY A 205 -42.42 15.71 -30.16
C GLY A 205 -43.03 14.48 -29.51
N ARG A 206 -43.14 13.40 -30.27
CA ARG A 206 -43.64 12.12 -29.77
C ARG A 206 -42.49 11.18 -29.36
N ARG A 207 -41.25 11.61 -29.64
CA ARG A 207 -40.06 10.95 -29.12
C ARG A 207 -39.92 11.22 -27.62
N THR A 208 -40.70 12.19 -27.13
CA THR A 208 -40.83 12.47 -25.70
C THR A 208 -41.59 11.33 -25.03
N ARG A 209 -42.56 10.76 -25.74
CA ARG A 209 -43.35 9.64 -25.24
C ARG A 209 -42.52 8.37 -25.09
N ILE A 210 -41.68 8.05 -26.08
CA ILE A 210 -40.85 6.85 -26.02
C ILE A 210 -39.75 6.97 -24.96
N ALA A 211 -39.23 8.19 -24.79
CA ALA A 211 -38.26 8.49 -23.74
C ALA A 211 -38.88 8.30 -22.37
N TYR A 212 -40.14 8.72 -22.24
CA TYR A 212 -40.94 8.50 -21.03
C TYR A 212 -41.14 7.01 -20.77
N GLU A 213 -41.46 6.27 -21.83
CA GLU A 213 -41.76 4.84 -21.71
C GLU A 213 -40.53 4.00 -21.41
N ARG A 214 -39.42 4.32 -22.08
CA ARG A 214 -38.16 3.63 -21.82
C ARG A 214 -37.80 3.70 -20.35
N MET A 215 -37.85 4.91 -19.81
CA MET A 215 -37.51 5.17 -18.40
C MET A 215 -38.47 4.53 -17.40
N CYS A 216 -39.74 4.42 -17.80
CA CYS A 216 -40.71 3.70 -16.99
C CYS A 216 -40.35 2.23 -16.92
N ASN A 217 -39.99 1.66 -18.07
CA ASN A 217 -39.54 0.27 -18.14
C ASN A 217 -38.23 -0.02 -17.42
N ILE A 218 -37.29 0.93 -17.47
CA ILE A 218 -36.02 0.83 -16.75
C ILE A 218 -36.30 0.67 -15.24
N LEU A 219 -37.13 1.58 -14.71
CA LEU A 219 -37.53 1.59 -13.31
C LEU A 219 -38.26 0.31 -12.91
N LYS A 220 -39.18 -0.13 -13.76
CA LYS A 220 -39.95 -1.35 -13.55
C LYS A 220 -39.04 -2.58 -13.39
N GLY A 221 -38.06 -2.69 -14.28
CA GLY A 221 -37.10 -3.79 -14.24
C GLY A 221 -36.26 -3.80 -12.97
N LYS A 222 -36.28 -2.69 -12.25
CA LYS A 222 -35.57 -2.58 -10.99
C LYS A 222 -36.37 -3.06 -9.78
N PHE A 223 -37.70 -2.96 -9.86
CA PHE A 223 -38.55 -3.40 -8.75
C PHE A 223 -38.66 -4.93 -8.69
N GLN A 224 -38.51 -5.47 -7.48
CA GLN A 224 -38.48 -6.92 -7.26
C GLN A 224 -39.84 -7.52 -6.87
N THR A 225 -40.83 -6.66 -6.59
CA THR A 225 -42.19 -7.11 -6.30
C THR A 225 -43.14 -6.76 -7.45
N ALA A 226 -44.05 -7.68 -7.75
CA ALA A 226 -45.02 -7.48 -8.83
C ALA A 226 -45.92 -6.26 -8.61
N ALA A 227 -46.29 -6.02 -7.36
CA ALA A 227 -47.13 -4.87 -7.00
C ALA A 227 -46.50 -3.52 -7.42
N GLN A 228 -45.24 -3.32 -7.05
CA GLN A 228 -44.50 -2.13 -7.44
C GLN A 228 -44.41 -2.05 -8.96
N ARG A 229 -44.14 -3.20 -9.58
CA ARG A 229 -44.09 -3.32 -11.04
C ARG A 229 -45.41 -2.94 -11.69
N THR A 230 -46.52 -3.33 -11.07
CA THR A 230 -47.87 -3.02 -11.56
C THR A 230 -48.20 -1.53 -11.45
N MET A 231 -47.62 -0.84 -10.48
CA MET A 231 -47.85 0.60 -10.33
C MET A 231 -47.12 1.37 -11.43
N VAL A 232 -45.93 0.89 -11.80
CA VAL A 232 -45.14 1.52 -12.86
C VAL A 232 -45.85 1.40 -14.21
N ASP A 233 -46.47 0.25 -14.45
CA ASP A 233 -47.33 0.06 -15.63
C ASP A 233 -48.44 1.10 -15.68
N GLN A 234 -49.02 1.41 -14.52
CA GLN A 234 -50.07 2.42 -14.40
C GLN A 234 -49.55 3.86 -14.62
N VAL A 235 -48.28 4.08 -14.29
CA VAL A 235 -47.66 5.38 -14.54
C VAL A 235 -47.31 5.48 -16.02
N ARG A 236 -46.82 4.39 -16.59
CA ARG A 236 -46.45 4.31 -18.00
C ARG A 236 -47.66 4.41 -18.93
N GLU A 237 -48.71 3.65 -18.62
CA GLU A 237 -49.92 3.60 -19.45
C GLU A 237 -50.65 4.93 -19.56
N SER A 238 -50.37 5.86 -18.65
CA SER A 238 -51.02 7.15 -18.61
C SER A 238 -50.84 7.96 -19.89
N ARG A 239 -51.96 8.37 -20.48
CA ARG A 239 -51.94 9.31 -21.60
C ARG A 239 -51.89 10.71 -21.03
N ASN A 240 -50.91 11.49 -21.46
CA ASN A 240 -50.65 12.84 -20.92
C ASN A 240 -50.46 12.84 -19.38
N PRO A 241 -49.26 12.45 -18.90
CA PRO A 241 -48.98 12.27 -17.46
C PRO A 241 -49.04 13.58 -16.66
N GLY A 242 -49.33 13.47 -15.36
CA GLY A 242 -49.51 14.64 -14.50
C GLY A 242 -49.28 14.38 -13.02
N ASN A 243 -50.16 14.91 -12.17
CA ASN A 243 -50.02 14.83 -10.72
C ASN A 243 -50.16 13.44 -10.12
N ALA A 244 -51.15 12.68 -10.59
CA ALA A 244 -51.38 11.32 -10.14
C ALA A 244 -50.16 10.43 -10.37
N GLU A 245 -49.43 10.68 -11.45
CA GLU A 245 -48.20 9.94 -11.76
C GLU A 245 -47.07 10.39 -10.84
N PHE A 246 -46.94 11.69 -10.68
CA PHE A 246 -46.01 12.29 -9.72
C PHE A 246 -46.24 11.66 -8.35
N GLU A 247 -47.48 11.68 -7.88
CA GLU A 247 -47.85 11.08 -6.59
C GLU A 247 -47.45 9.60 -6.51
N ASP A 248 -47.76 8.86 -7.57
CA ASP A 248 -47.42 7.44 -7.67
C ASP A 248 -45.91 7.18 -7.56
N LEU A 249 -45.12 8.00 -8.25
CA LEU A 249 -43.66 7.85 -8.27
C LEU A 249 -43.02 8.19 -6.92
N ILE A 250 -43.54 9.20 -6.24
CA ILE A 250 -43.12 9.53 -4.86
C ILE A 250 -43.39 8.35 -3.91
N PHE A 251 -44.51 7.68 -4.12
CA PHE A 251 -44.92 6.52 -3.32
C PHE A 251 -43.94 5.37 -3.56
N LEU A 252 -43.65 5.11 -4.83
CA LEU A 252 -42.73 4.03 -5.22
C LEU A 252 -41.34 4.26 -4.65
N ALA A 253 -40.83 5.48 -4.79
CA ALA A 253 -39.56 5.87 -4.21
C ALA A 253 -39.52 5.55 -2.72
N ARG A 254 -40.54 5.99 -1.98
CA ARG A 254 -40.62 5.72 -0.54
C ARG A 254 -40.65 4.22 -0.23
N SER A 255 -41.36 3.45 -1.06
CA SER A 255 -41.42 1.99 -0.91
C SER A 255 -40.07 1.32 -1.17
N ALA A 256 -39.24 1.96 -1.98
CA ALA A 256 -37.94 1.42 -2.32
C ALA A 256 -36.92 1.59 -1.19
N LEU A 257 -37.33 2.22 -0.10
CA LEU A 257 -36.52 2.33 1.10
C LEU A 257 -36.59 1.05 1.93
N ILE A 258 -37.70 0.32 1.79
CA ILE A 258 -37.91 -0.94 2.49
C ILE A 258 -37.90 -2.10 1.51
N LEU A 259 -38.81 -2.08 0.53
CA LEU A 259 -38.79 -3.04 -0.57
C LEU A 259 -37.84 -2.52 -1.64
N ARG A 260 -36.54 -2.68 -1.41
CA ARG A 260 -35.48 -2.09 -2.23
C ARG A 260 -35.37 -2.72 -3.61
N GLY A 261 -35.07 -1.87 -4.60
CA GLY A 261 -34.95 -2.32 -5.99
C GLY A 261 -33.57 -2.81 -6.39
N SER A 262 -33.50 -3.53 -7.50
CA SER A 262 -32.26 -4.07 -8.03
C SER A 262 -31.42 -3.02 -8.77
N VAL A 263 -30.44 -2.47 -8.07
CA VAL A 263 -29.54 -1.47 -8.64
C VAL A 263 -28.18 -2.12 -8.78
N ALA A 264 -27.60 -2.03 -9.97
CA ALA A 264 -26.28 -2.60 -10.22
C ALA A 264 -25.20 -1.75 -9.58
N HIS A 265 -24.13 -2.40 -9.16
CA HIS A 265 -22.99 -1.71 -8.59
C HIS A 265 -21.75 -2.15 -9.33
N LYS A 266 -20.99 -1.18 -9.81
CA LYS A 266 -19.80 -1.45 -10.57
C LYS A 266 -18.62 -0.66 -10.04
N SER A 267 -17.58 -1.38 -9.63
CA SER A 267 -16.33 -0.74 -9.23
C SER A 267 -15.68 -0.13 -10.46
N CYS A 268 -15.62 1.19 -10.45
CA CYS A 268 -15.04 1.94 -11.56
C CYS A 268 -13.94 2.82 -10.99
N LEU A 269 -12.75 2.73 -11.59
CA LEU A 269 -11.57 3.37 -11.04
C LEU A 269 -11.14 4.53 -11.92
N PRO A 270 -10.49 5.55 -11.33
CA PRO A 270 -9.92 6.62 -12.13
C PRO A 270 -9.05 6.06 -13.25
N ALA A 271 -9.08 6.73 -14.40
CA ALA A 271 -8.35 6.29 -15.58
C ALA A 271 -6.87 6.01 -15.33
N CYS A 272 -6.25 6.76 -14.42
CA CYS A 272 -4.83 6.57 -14.11
C CYS A 272 -4.51 5.15 -13.62
N VAL A 273 -5.46 4.52 -12.92
CA VAL A 273 -5.26 3.18 -12.40
C VAL A 273 -5.12 2.16 -13.53
N TYR A 274 -5.98 2.28 -14.54
CA TYR A 274 -5.96 1.41 -15.70
C TYR A 274 -4.73 1.66 -16.58
N GLY A 275 -4.42 2.94 -16.79
CA GLY A 275 -3.25 3.34 -17.58
C GLY A 275 -1.98 2.84 -16.95
N SER A 276 -1.83 3.09 -15.65
CA SER A 276 -0.70 2.62 -14.88
C SER A 276 -0.50 1.10 -14.97
N ALA A 277 -1.62 0.37 -15.06
CA ALA A 277 -1.60 -1.09 -15.17
C ALA A 277 -1.15 -1.57 -16.55
N VAL A 278 -1.72 -0.98 -17.60
CA VAL A 278 -1.31 -1.28 -18.97
C VAL A 278 0.20 -1.06 -19.13
N ALA A 279 0.67 0.11 -18.71
CA ALA A 279 2.08 0.47 -18.83
C ALA A 279 3.00 -0.48 -18.10
N SER A 280 2.57 -0.91 -16.91
CA SER A 280 3.40 -1.74 -16.05
C SER A 280 3.46 -3.20 -16.51
N GLY A 281 2.64 -3.54 -17.50
CA GLY A 281 2.74 -4.83 -18.18
C GLY A 281 1.51 -5.72 -18.12
N TYR A 282 0.40 -5.17 -17.61
CA TYR A 282 -0.82 -5.95 -17.45
C TYR A 282 -1.69 -5.86 -18.70
N ASP A 283 -2.14 -7.02 -19.17
CA ASP A 283 -2.94 -7.09 -20.39
C ASP A 283 -4.40 -7.45 -20.07
N PHE A 284 -5.26 -6.45 -20.11
CA PHE A 284 -6.67 -6.64 -19.75
C PHE A 284 -7.47 -7.47 -20.77
N GLU A 285 -6.93 -7.60 -21.99
CA GLU A 285 -7.57 -8.44 -23.00
C GLU A 285 -7.18 -9.92 -22.85
N ARG A 286 -5.93 -10.15 -22.47
CA ARG A 286 -5.42 -11.50 -22.26
C ARG A 286 -5.92 -12.06 -20.92
N GLU A 287 -5.95 -11.21 -19.89
CA GLU A 287 -6.39 -11.63 -18.56
C GLU A 287 -7.91 -11.57 -18.42
N GLY A 288 -8.54 -10.73 -19.25
CA GLY A 288 -9.93 -10.38 -19.05
C GLY A 288 -10.04 -9.42 -17.88
N TYR A 289 -11.26 -9.03 -17.52
CA TYR A 289 -11.47 -8.14 -16.37
C TYR A 289 -12.94 -8.14 -15.96
N SER A 290 -13.17 -7.88 -14.67
CA SER A 290 -14.52 -7.84 -14.11
C SER A 290 -14.74 -6.59 -13.28
N LEU A 291 -15.99 -6.17 -13.16
CA LEU A 291 -16.35 -4.98 -12.40
C LEU A 291 -17.01 -5.35 -11.07
N VAL A 292 -17.43 -6.61 -10.96
CA VAL A 292 -18.20 -7.05 -9.81
C VAL A 292 -17.52 -8.16 -9.03
N GLY A 293 -16.49 -8.75 -9.62
CA GLY A 293 -15.69 -9.79 -8.96
C GLY A 293 -14.50 -9.23 -8.19
N ILE A 294 -13.45 -10.04 -8.13
CA ILE A 294 -12.24 -9.72 -7.37
C ILE A 294 -11.35 -8.68 -8.05
N ASP A 295 -11.39 -8.67 -9.38
CA ASP A 295 -10.46 -7.90 -10.23
C ASP A 295 -10.13 -6.47 -9.74
N PRO A 296 -11.15 -5.60 -9.56
CA PRO A 296 -10.86 -4.22 -9.14
C PRO A 296 -10.17 -4.09 -7.79
N PHE A 297 -10.56 -4.93 -6.82
CA PHE A 297 -9.89 -4.98 -5.53
C PHE A 297 -8.41 -5.32 -5.68
N ARG A 298 -8.16 -6.34 -6.51
CA ARG A 298 -6.81 -6.82 -6.76
C ARG A 298 -6.00 -5.83 -7.60
N LEU A 299 -6.70 -5.01 -8.38
CA LEU A 299 -6.04 -3.96 -9.15
C LEU A 299 -5.56 -2.82 -8.25
N LEU A 300 -6.43 -2.39 -7.34
CA LEU A 300 -6.09 -1.35 -6.37
C LEU A 300 -4.98 -1.79 -5.41
N GLN A 301 -4.91 -3.11 -5.19
CA GLN A 301 -3.91 -3.70 -4.34
C GLN A 301 -2.51 -3.58 -4.94
N ASN A 302 -2.45 -3.51 -6.27
CA ASN A 302 -1.20 -3.36 -7.01
C ASN A 302 -1.00 -1.94 -7.56
N SER A 303 -1.90 -1.03 -7.17
CA SER A 303 -1.86 0.36 -7.63
C SER A 303 -1.50 1.34 -6.51
N GLN A 304 -0.98 2.51 -6.90
CA GLN A 304 -0.79 3.62 -5.98
C GLN A 304 -1.23 4.94 -6.61
N VAL A 305 -2.26 5.54 -6.00
CA VAL A 305 -2.87 6.77 -6.47
C VAL A 305 -2.55 7.89 -5.49
N TYR A 306 -2.44 9.11 -6.00
CA TYR A 306 -2.17 10.28 -5.17
C TYR A 306 -3.30 11.31 -5.25
N SER A 307 -3.32 12.22 -4.28
CA SER A 307 -4.28 13.31 -4.25
C SER A 307 -3.66 14.55 -3.63
N LEU A 308 -4.06 15.72 -4.16
CA LEU A 308 -3.70 17.00 -3.57
C LEU A 308 -4.48 17.19 -2.27
N ILE A 309 -3.78 17.60 -1.21
CA ILE A 309 -4.40 17.75 0.10
C ILE A 309 -4.28 19.17 0.67
N ARG A 310 -5.43 19.71 1.09
CA ARG A 310 -5.52 21.03 1.72
C ARG A 310 -5.03 20.98 3.18
N PRO A 311 -4.71 22.16 3.77
CA PRO A 311 -4.11 22.24 5.11
C PRO A 311 -4.98 21.65 6.24
N ASN A 312 -6.29 21.75 6.12
CA ASN A 312 -7.18 21.28 7.17
C ASN A 312 -7.46 19.78 7.09
N GLU A 313 -7.20 19.20 5.93
CA GLU A 313 -7.71 17.88 5.59
C GLU A 313 -6.88 16.71 6.11
N ASN A 314 -7.58 15.65 6.52
CA ASN A 314 -6.95 14.38 6.92
C ASN A 314 -6.85 13.45 5.70
N PRO A 315 -5.62 13.06 5.33
CA PRO A 315 -5.41 12.24 4.13
C PRO A 315 -6.09 10.87 4.19
N ALA A 316 -6.31 10.37 5.40
CA ALA A 316 -7.06 9.13 5.61
C ALA A 316 -8.53 9.31 5.25
N HIS A 317 -9.06 10.49 5.57
CA HIS A 317 -10.45 10.82 5.26
C HIS A 317 -10.69 11.04 3.76
N LYS A 318 -9.72 11.63 3.07
CA LYS A 318 -9.70 11.66 1.61
C LYS A 318 -9.68 10.24 1.05
N SER A 319 -8.89 9.37 1.69
CA SER A 319 -8.75 7.99 1.26
C SER A 319 -10.08 7.22 1.35
N GLN A 320 -10.80 7.39 2.47
CA GLN A 320 -12.11 6.78 2.64
C GLN A 320 -13.07 7.18 1.52
N LEU A 321 -13.12 8.48 1.23
CA LEU A 321 -14.01 9.02 0.19
C LEU A 321 -13.76 8.37 -1.18
N VAL A 322 -12.50 8.31 -1.60
CA VAL A 322 -12.17 7.78 -2.92
C VAL A 322 -12.27 6.24 -2.95
N TRP A 323 -12.12 5.62 -1.78
CA TRP A 323 -12.33 4.18 -1.66
C TRP A 323 -13.82 3.84 -1.85
N MET A 324 -14.67 4.58 -1.16
CA MET A 324 -16.13 4.45 -1.27
C MET A 324 -16.59 4.64 -2.71
N ALA A 325 -16.12 5.73 -3.32
CA ALA A 325 -16.42 6.04 -4.72
C ALA A 325 -16.02 4.91 -5.65
N CYS A 326 -14.83 4.36 -5.41
CA CYS A 326 -14.26 3.33 -6.26
C CYS A 326 -15.08 2.04 -6.28
N HIS A 327 -15.65 1.69 -5.14
CA HIS A 327 -16.44 0.47 -5.03
C HIS A 327 -17.93 0.77 -4.94
N SER A 328 -18.32 1.94 -5.45
CA SER A 328 -19.73 2.37 -5.52
C SER A 328 -20.50 2.16 -4.22
N ALA A 329 -19.88 2.56 -3.11
CA ALA A 329 -20.34 2.19 -1.78
C ALA A 329 -20.87 3.34 -0.93
N ALA A 330 -21.16 4.47 -1.57
CA ALA A 330 -21.67 5.67 -0.86
C ALA A 330 -22.89 5.40 0.02
N PHE A 331 -23.77 4.50 -0.43
CA PHE A 331 -25.01 4.19 0.28
C PHE A 331 -25.04 2.79 0.91
N GLU A 332 -23.89 2.12 0.92
CA GLU A 332 -23.72 0.89 1.70
C GLU A 332 -23.83 1.14 3.20
N ASP A 333 -24.14 0.09 3.93
CA ASP A 333 -24.02 0.08 5.39
C ASP A 333 -22.56 0.31 5.76
N LEU A 334 -22.32 1.29 6.64
CA LEU A 334 -20.96 1.57 7.10
C LEU A 334 -20.31 0.38 7.79
N ARG A 335 -21.13 -0.46 8.42
CA ARG A 335 -20.66 -1.66 9.09
C ARG A 335 -19.96 -2.62 8.13
N VAL A 336 -20.55 -2.89 6.97
CA VAL A 336 -19.95 -3.81 5.98
C VAL A 336 -18.74 -3.16 5.28
N SER A 337 -18.87 -1.88 4.96
CA SER A 337 -17.76 -1.13 4.35
C SER A 337 -16.51 -1.21 5.22
N SER A 338 -16.70 -1.10 6.54
CA SER A 338 -15.61 -1.16 7.50
C SER A 338 -14.98 -2.55 7.50
N PHE A 339 -15.82 -3.56 7.76
CA PHE A 339 -15.37 -4.95 7.86
C PHE A 339 -14.59 -5.37 6.63
N ILE A 340 -15.04 -4.94 5.46
CA ILE A 340 -14.35 -5.22 4.20
C ILE A 340 -13.00 -4.52 4.14
N ARG A 341 -12.99 -3.21 4.40
CA ARG A 341 -11.77 -2.41 4.29
C ARG A 341 -10.75 -2.77 5.38
N GLY A 342 -11.24 -3.01 6.59
CA GLY A 342 -10.37 -3.35 7.71
C GLY A 342 -10.17 -2.19 8.68
N THR A 343 -10.37 -0.97 8.19
CA THR A 343 -10.41 0.23 9.04
C THR A 343 -11.81 0.83 8.99
N LYS A 344 -12.17 1.60 10.02
CA LYS A 344 -13.52 2.13 10.15
C LYS A 344 -13.86 3.12 9.04
N VAL A 345 -15.00 2.91 8.41
CA VAL A 345 -15.54 3.84 7.42
C VAL A 345 -16.50 4.80 8.13
N VAL A 346 -16.03 6.03 8.28
CA VAL A 346 -16.71 7.05 9.07
C VAL A 346 -17.81 7.77 8.27
N PRO A 347 -18.88 8.25 8.95
CA PRO A 347 -19.93 9.02 8.28
C PRO A 347 -19.41 10.32 7.65
N ARG A 348 -20.12 10.82 6.63
CA ARG A 348 -19.72 12.04 5.92
C ARG A 348 -19.40 13.20 6.88
N GLY A 349 -20.27 13.39 7.88
CA GLY A 349 -20.14 14.49 8.83
C GLY A 349 -18.90 14.48 9.69
N LYS A 350 -18.34 13.29 9.90
CA LYS A 350 -17.12 13.14 10.68
C LYS A 350 -15.85 13.12 9.83
N LEU A 351 -15.99 13.39 8.53
CA LEU A 351 -14.85 13.45 7.61
C LEU A 351 -14.21 14.84 7.58
N SER A 352 -12.95 14.92 7.98
CA SER A 352 -12.16 16.16 7.92
C SER A 352 -11.60 16.36 6.52
N THR A 353 -12.49 16.49 5.53
CA THR A 353 -12.10 16.66 4.14
C THR A 353 -13.21 17.32 3.31
N ARG A 354 -12.83 17.89 2.17
CA ARG A 354 -13.78 18.35 1.17
C ARG A 354 -13.53 17.60 -0.14
N GLY A 355 -14.24 17.98 -1.20
CA GLY A 355 -14.13 17.34 -2.51
C GLY A 355 -12.72 17.13 -3.05
N VAL A 356 -12.60 16.14 -3.94
CA VAL A 356 -11.33 15.77 -4.56
C VAL A 356 -10.78 16.89 -5.47
N GLN A 357 -11.67 17.51 -6.25
CA GLN A 357 -11.28 18.56 -7.19
C GLN A 357 -10.93 19.87 -6.49
N ILE A 358 -9.82 20.47 -6.89
CA ILE A 358 -9.37 21.72 -6.32
C ILE A 358 -9.76 22.87 -7.24
N ALA A 359 -10.67 23.72 -6.76
CA ALA A 359 -11.19 24.84 -7.53
C ALA A 359 -10.11 25.83 -7.97
N SER A 360 -10.41 26.59 -9.02
CA SER A 360 -9.49 27.60 -9.55
C SER A 360 -9.30 28.76 -8.59
N ASN A 361 -10.23 28.91 -7.65
CA ASN A 361 -10.18 29.97 -6.64
C ASN A 361 -9.01 29.81 -5.65
N GLU A 362 -8.89 28.62 -5.07
CA GLU A 362 -7.88 28.36 -4.03
C GLU A 362 -6.45 28.33 -4.56
N ASN A 363 -5.50 28.69 -3.69
CA ASN A 363 -4.11 28.88 -4.08
C ASN A 363 -3.24 27.65 -3.88
N MET A 364 -2.32 27.43 -4.81
CA MET A 364 -1.53 26.21 -4.87
C MET A 364 -0.39 26.12 -3.89
N GLU A 365 0.03 27.25 -3.35
CA GLU A 365 1.22 27.32 -2.48
C GLU A 365 1.03 26.62 -1.13
N THR A 366 -0.22 26.42 -0.74
CA THR A 366 -0.55 25.69 0.50
C THR A 366 -0.79 24.20 0.27
N MET A 367 -0.92 23.80 -0.99
CA MET A 367 -1.24 22.41 -1.32
C MET A 367 -0.04 21.47 -1.17
N GLU A 368 -0.28 20.35 -0.49
CA GLU A 368 0.65 19.24 -0.44
C GLU A 368 0.01 18.04 -1.15
N SER A 369 0.76 16.97 -1.37
CA SER A 369 0.21 15.78 -2.06
C SER A 369 0.44 14.49 -1.27
N SER A 370 -0.65 13.77 -1.03
CA SER A 370 -0.62 12.56 -0.24
C SER A 370 -1.00 11.32 -1.03
N THR A 371 -0.50 10.17 -0.59
CA THR A 371 -0.89 8.87 -1.10
C THR A 371 -2.33 8.56 -0.68
N LEU A 372 -3.12 8.03 -1.61
CA LEU A 372 -4.47 7.58 -1.31
C LEU A 372 -4.45 6.12 -0.89
N GLU A 373 -5.09 5.81 0.22
CA GLU A 373 -5.12 4.43 0.74
C GLU A 373 -6.39 3.70 0.31
N LEU A 374 -6.29 2.98 -0.81
CA LEU A 374 -7.47 2.41 -1.47
C LEU A 374 -7.56 0.87 -1.39
N ARG A 375 -6.67 0.26 -0.62
CA ARG A 375 -6.66 -1.20 -0.47
C ARG A 375 -7.71 -1.63 0.56
N SER A 376 -7.89 -2.95 0.69
CA SER A 376 -8.88 -3.51 1.59
C SER A 376 -8.32 -4.73 2.30
N ARG A 377 -8.84 -5.02 3.50
CA ARG A 377 -8.52 -6.25 4.18
C ARG A 377 -9.15 -7.42 3.43
N TYR A 378 -10.44 -7.32 3.14
CA TYR A 378 -11.17 -8.36 2.41
C TYR A 378 -11.72 -7.83 1.07
N TRP A 379 -12.26 -8.73 0.26
CA TRP A 379 -13.05 -8.31 -0.88
C TRP A 379 -14.42 -8.96 -0.82
N ALA A 380 -15.35 -8.43 -1.62
CA ALA A 380 -16.69 -8.97 -1.71
C ALA A 380 -17.25 -8.68 -3.08
N ILE A 381 -18.03 -9.63 -3.61
CA ILE A 381 -18.69 -9.46 -4.89
C ILE A 381 -19.65 -8.26 -4.81
N ARG A 382 -19.64 -7.41 -5.83
CA ARG A 382 -20.62 -6.33 -5.96
C ARG A 382 -21.94 -6.88 -6.49
N THR A 383 -23.04 -6.48 -5.86
CA THR A 383 -24.36 -7.06 -6.14
C THR A 383 -25.33 -6.17 -6.93
N ARG A 384 -26.18 -6.80 -7.72
CA ARG A 384 -27.28 -6.13 -8.43
C ARG A 384 -28.54 -6.12 -7.58
N SER A 385 -28.58 -6.99 -6.57
CA SER A 385 -29.79 -7.21 -5.75
C SER A 385 -30.08 -6.06 -4.79
N GLY A 386 -31.36 -5.88 -4.48
CA GLY A 386 -31.78 -4.92 -3.46
C GLY A 386 -32.09 -5.60 -2.13
N GLY A 387 -31.69 -6.87 -2.01
CA GLY A 387 -32.00 -7.69 -0.85
C GLY A 387 -33.32 -8.42 -1.00
N ASN A 388 -33.74 -9.12 0.05
CA ASN A 388 -35.05 -9.77 0.07
C ASN A 388 -36.20 -8.77 0.08
N THR A 389 -37.22 -9.07 -0.71
CA THR A 389 -38.47 -8.30 -0.76
C THR A 389 -39.62 -9.28 -0.83
N ASN A 390 -39.34 -10.44 -1.42
CA ASN A 390 -40.35 -11.46 -1.70
C ASN A 390 -40.28 -12.60 -0.69
N GLN A 391 -40.75 -13.77 -1.14
CA GLN A 391 -40.69 -15.02 -0.38
C GLN A 391 -41.66 -15.05 0.80
N GLN A 392 -41.32 -14.33 1.87
CA GLN A 392 -42.03 -14.42 3.17
C GLN A 392 -42.26 -15.86 3.62
N ARG A 393 -41.32 -16.73 3.27
CA ARG A 393 -41.39 -18.15 3.64
C ARG A 393 -41.13 -18.28 5.14
N ALA A 394 -42.24 -18.32 5.89
CA ALA A 394 -42.24 -18.39 7.34
C ALA A 394 -41.53 -17.18 7.96
N SER A 395 -40.78 -17.43 9.04
CA SER A 395 -40.07 -16.37 9.74
C SER A 395 -38.84 -16.94 10.46
N SER A 396 -39.09 -17.79 11.46
CA SER A 396 -38.06 -18.39 12.33
C SER A 396 -37.31 -17.35 13.16
N GLY A 397 -37.76 -17.15 14.40
CA GLY A 397 -37.14 -16.19 15.31
C GLY A 397 -37.82 -16.11 16.66
N GLN A 398 -37.54 -15.02 17.39
CA GLN A 398 -38.09 -14.78 18.72
C GLN A 398 -38.31 -13.28 18.93
N ILE A 399 -39.52 -12.90 19.31
CA ILE A 399 -39.86 -11.47 19.45
C ILE A 399 -40.38 -11.07 20.83
N SER A 400 -40.31 -11.99 21.78
CA SER A 400 -40.70 -11.76 23.17
C SER A 400 -40.04 -12.80 24.08
N ILE A 401 -40.06 -12.55 25.38
CA ILE A 401 -39.54 -13.53 26.34
C ILE A 401 -40.63 -14.03 27.28
N GLN A 402 -40.44 -15.24 27.78
CA GLN A 402 -41.31 -15.81 28.78
C GLN A 402 -40.49 -15.94 30.07
N PRO A 403 -40.87 -15.16 31.11
CA PRO A 403 -40.14 -15.18 32.37
C PRO A 403 -40.07 -16.57 33.00
N THR A 404 -38.87 -16.98 33.41
CA THR A 404 -38.67 -18.22 34.14
C THR A 404 -38.40 -17.94 35.62
N PHE A 405 -37.75 -16.82 35.90
CA PHE A 405 -37.31 -16.51 37.24
C PHE A 405 -38.05 -15.31 37.81
N SER A 406 -38.32 -15.36 39.11
CA SER A 406 -38.94 -14.25 39.82
C SER A 406 -37.87 -13.21 40.14
N VAL A 407 -37.63 -12.31 39.18
CA VAL A 407 -36.60 -11.29 39.30
C VAL A 407 -37.14 -9.97 38.76
N GLN A 408 -36.78 -8.86 39.39
CA GLN A 408 -37.13 -7.55 38.88
C GLN A 408 -36.39 -7.25 37.58
N ARG A 409 -37.16 -6.87 36.56
CA ARG A 409 -36.64 -6.41 35.26
C ARG A 409 -37.79 -5.98 34.37
N ASN A 410 -37.46 -5.31 33.25
CA ASN A 410 -38.42 -5.11 32.18
C ASN A 410 -38.57 -6.42 31.41
N LEU A 411 -39.67 -6.59 30.70
CA LEU A 411 -39.85 -7.79 29.89
C LEU A 411 -39.91 -7.41 28.41
N PRO A 412 -38.75 -7.48 27.73
CA PRO A 412 -38.61 -6.99 26.35
C PRO A 412 -39.47 -7.72 25.34
N PHE A 413 -40.06 -6.95 24.42
CA PHE A 413 -40.75 -7.50 23.26
C PHE A 413 -40.57 -6.59 22.05
N ASP A 414 -40.67 -7.16 20.86
CA ASP A 414 -40.56 -6.40 19.63
C ASP A 414 -41.90 -5.75 19.31
N ARG A 415 -42.09 -4.53 19.81
CA ARG A 415 -43.38 -3.83 19.69
C ARG A 415 -43.86 -3.64 18.24
N PRO A 416 -43.02 -3.02 17.38
CA PRO A 416 -43.50 -2.77 16.02
C PRO A 416 -43.92 -4.04 15.27
N THR A 417 -43.18 -5.13 15.47
CA THR A 417 -43.45 -6.42 14.81
C THR A 417 -44.76 -7.04 15.29
N ILE A 418 -44.97 -7.10 16.60
CA ILE A 418 -46.17 -7.71 17.18
C ILE A 418 -47.42 -6.90 16.81
N MET A 419 -47.33 -5.58 16.95
CA MET A 419 -48.44 -4.68 16.62
C MET A 419 -48.71 -4.60 15.12
N ALA A 420 -47.68 -4.84 14.30
CA ALA A 420 -47.80 -4.80 12.84
C ALA A 420 -49.02 -5.59 12.34
N ALA A 421 -49.15 -6.82 12.80
CA ALA A 421 -50.24 -7.71 12.38
C ALA A 421 -51.63 -7.26 12.86
N PHE A 422 -51.71 -6.04 13.37
CA PHE A 422 -52.98 -5.44 13.79
C PHE A 422 -53.18 -4.05 13.18
N ASP A 432 -55.29 -0.06 -4.47
CA ASP A 432 -55.35 -1.53 -4.42
C ASP A 432 -53.95 -2.14 -4.43
N MET A 433 -53.11 -1.70 -5.36
CA MET A 433 -51.70 -2.07 -5.38
C MET A 433 -50.96 -1.20 -4.36
N ARG A 434 -51.58 -0.07 -4.01
CA ARG A 434 -51.10 0.82 -2.98
C ARG A 434 -51.14 0.15 -1.59
N THR A 435 -52.26 -0.48 -1.25
CA THR A 435 -52.41 -1.17 0.05
C THR A 435 -51.59 -2.46 0.12
N GLU A 436 -51.44 -3.15 -1.02
CA GLU A 436 -50.60 -4.34 -1.08
C GLU A 436 -49.17 -3.98 -0.69
N ILE A 437 -48.66 -2.90 -1.26
CA ILE A 437 -47.33 -2.38 -0.94
C ILE A 437 -47.24 -1.96 0.53
N ILE A 438 -48.18 -1.15 1.00
CA ILE A 438 -48.23 -0.75 2.42
C ILE A 438 -48.11 -1.97 3.33
N ARG A 439 -48.95 -2.97 3.08
CA ARG A 439 -48.95 -4.20 3.88
C ARG A 439 -47.62 -4.94 3.79
N LEU A 440 -46.98 -4.84 2.63
CA LEU A 440 -45.74 -5.55 2.36
C LEU A 440 -44.58 -4.93 3.14
N MET A 441 -44.47 -3.61 3.13
CA MET A 441 -43.40 -2.93 3.88
C MET A 441 -43.70 -2.84 5.36
N GLU A 442 -44.97 -2.99 5.71
CA GLU A 442 -45.39 -3.10 7.10
C GLU A 442 -44.97 -4.46 7.65
N SER A 443 -44.89 -5.46 6.77
CA SER A 443 -44.46 -6.80 7.15
C SER A 443 -42.93 -6.90 7.34
N ALA A 444 -42.18 -6.10 6.59
CA ALA A 444 -40.72 -6.11 6.67
C ALA A 444 -40.21 -5.53 7.99
N ARG A 445 -39.00 -5.94 8.37
CA ARG A 445 -38.37 -5.53 9.62
C ARG A 445 -36.89 -5.24 9.36
N PRO A 446 -36.34 -4.21 10.03
CA PRO A 446 -34.91 -3.91 9.89
C PRO A 446 -34.01 -5.08 10.25
N GLU A 447 -34.54 -6.04 11.01
CA GLU A 447 -33.78 -7.17 11.52
C GLU A 447 -33.70 -8.33 10.52
N ASP A 448 -34.47 -8.23 9.43
CA ASP A 448 -34.52 -9.29 8.43
C ASP A 448 -33.24 -9.37 7.61
N VAL A 449 -32.74 -10.60 7.45
CA VAL A 449 -31.44 -10.86 6.84
C VAL A 449 -31.53 -11.13 5.34
N SER A 450 -30.72 -10.41 4.56
CA SER A 450 -30.63 -10.64 3.13
C SER A 450 -29.27 -11.26 2.79
N PHE A 451 -29.14 -11.76 1.57
CA PHE A 451 -27.90 -12.39 1.06
C PHE A 451 -27.43 -13.57 1.90
N GLN A 452 -28.36 -14.47 2.23
CA GLN A 452 -28.06 -15.63 3.08
C GLN A 452 -26.98 -16.54 2.48
N GLY A 453 -25.99 -16.89 3.29
CA GLY A 453 -24.92 -17.78 2.87
C GLY A 453 -23.73 -17.07 2.26
N ARG A 454 -23.92 -15.83 1.86
CA ARG A 454 -22.88 -15.06 1.19
C ARG A 454 -22.04 -14.24 2.16
N GLY A 455 -20.77 -14.05 1.81
CA GLY A 455 -19.84 -13.30 2.64
C GLY A 455 -18.64 -12.71 1.92
N VAL A 456 -17.69 -12.21 2.70
CA VAL A 456 -16.49 -11.58 2.19
C VAL A 456 -15.40 -12.64 1.94
N PHE A 457 -14.36 -12.25 1.21
CA PHE A 457 -13.28 -13.17 0.86
C PHE A 457 -11.91 -12.57 1.12
N GLU A 458 -10.95 -13.44 1.45
CA GLU A 458 -9.55 -13.07 1.54
C GLU A 458 -9.06 -12.70 0.14
N LEU A 459 -8.10 -11.80 0.06
CA LEU A 459 -7.58 -11.34 -1.21
C LEU A 459 -6.83 -12.43 -1.97
N SER A 460 -6.42 -13.46 -1.24
CA SER A 460 -5.72 -14.61 -1.81
C SER A 460 -6.69 -15.60 -2.45
N ASP A 461 -7.99 -15.44 -2.14
CA ASP A 461 -9.05 -16.33 -2.63
C ASP A 461 -9.57 -15.87 -3.99
N GLU A 462 -8.86 -16.27 -5.04
CA GLU A 462 -9.18 -15.88 -6.43
C GLU A 462 -10.59 -16.32 -6.84
N LYS A 463 -10.90 -17.58 -6.56
CA LYS A 463 -12.10 -18.22 -7.07
C LYS A 463 -13.29 -18.12 -6.12
N ALA A 464 -13.14 -17.31 -5.08
CA ALA A 464 -14.18 -17.09 -4.06
C ALA A 464 -14.73 -18.40 -3.49
N THR A 465 -13.85 -19.17 -2.85
CA THR A 465 -14.17 -20.53 -2.40
C THR A 465 -14.59 -20.61 -0.94
N SER A 466 -14.06 -19.72 -0.11
CA SER A 466 -14.27 -19.78 1.34
C SER A 466 -14.87 -18.48 1.88
N PRO A 467 -16.21 -18.34 1.81
CA PRO A 467 -16.86 -17.10 2.24
C PRO A 467 -16.79 -16.87 3.75
N ILE A 468 -16.42 -15.65 4.14
CA ILE A 468 -16.45 -15.26 5.55
C ILE A 468 -17.75 -14.50 5.79
N VAL A 469 -18.58 -15.02 6.68
CA VAL A 469 -19.80 -14.33 7.11
C VAL A 469 -19.53 -13.50 8.36
N PRO A 470 -19.69 -12.16 8.26
CA PRO A 470 -19.35 -11.26 9.36
C PRO A 470 -20.37 -11.27 10.50
N SER A 471 -19.88 -11.11 11.72
CA SER A 471 -20.73 -11.04 12.91
C SER A 471 -21.05 -9.60 13.29
N PHE A 472 -22.22 -9.39 13.88
CA PHE A 472 -22.66 -8.07 14.31
C PHE A 472 -23.35 -8.13 15.67
N GLY A 478 -23.68 2.65 13.64
CA GLY A 478 -23.47 3.56 12.50
C GLY A 478 -23.60 2.83 11.17
N SER A 479 -24.68 3.12 10.46
CA SER A 479 -24.96 2.48 9.18
C SER A 479 -24.98 3.46 7.99
N TYR A 480 -25.50 4.66 8.22
CA TYR A 480 -25.73 5.62 7.15
C TYR A 480 -24.58 6.60 6.98
N PHE A 481 -24.10 6.72 5.76
CA PHE A 481 -23.01 7.63 5.42
C PHE A 481 -23.44 9.09 5.53
N PHE A 482 -24.67 9.36 5.09
CA PHE A 482 -25.23 10.71 5.10
C PHE A 482 -26.14 10.95 6.30
N GLY A 483 -25.99 10.13 7.34
CA GLY A 483 -26.83 10.20 8.53
C GLY A 483 -26.49 11.28 9.54
N ASP A 484 -25.28 11.85 9.45
CA ASP A 484 -24.81 12.82 10.45
C ASP A 484 -24.59 14.24 9.92
N ASN A 485 -25.51 15.14 10.26
CA ASN A 485 -25.39 16.57 9.93
C ASN A 485 -26.05 17.49 10.97
N ALA A 486 -26.00 18.79 10.70
CA ALA A 486 -26.52 19.82 11.60
C ALA A 486 -28.03 19.75 11.83
N GLU A 487 -28.73 18.95 11.02
CA GLU A 487 -30.18 18.80 11.13
C GLU A 487 -30.65 17.47 11.73
N GLU A 488 -29.84 16.42 11.55
CA GLU A 488 -30.24 15.05 11.92
C GLU A 488 -29.07 14.21 12.44
N TYR A 489 -29.35 13.40 13.46
CA TYR A 489 -28.39 12.41 13.94
C TYR A 489 -28.93 11.01 13.68
N ASP A 490 -28.67 10.48 12.49
CA ASP A 490 -29.12 9.14 12.09
C ASP A 490 -28.00 8.12 12.20
N ALA B 15 24.29 18.34 5.62
CA ALA B 15 24.70 19.10 4.41
C ALA B 15 23.85 18.74 3.21
N THR B 16 23.51 19.75 2.41
CA THR B 16 22.83 19.55 1.13
C THR B 16 23.74 18.76 0.19
N GLU B 17 25.05 19.03 0.27
CA GLU B 17 26.04 18.36 -0.56
C GLU B 17 26.23 16.89 -0.18
N ILE B 18 26.11 16.58 1.10
CA ILE B 18 26.17 15.20 1.58
C ILE B 18 24.96 14.42 1.10
N ARG B 19 23.80 15.08 1.10
CA ARG B 19 22.56 14.54 0.55
C ARG B 19 22.64 14.35 -0.97
N ALA B 20 23.35 15.25 -1.63
CA ALA B 20 23.51 15.24 -3.08
C ALA B 20 24.39 14.08 -3.56
N SER B 21 25.50 13.85 -2.87
CA SER B 21 26.41 12.77 -3.24
C SER B 21 25.78 11.40 -2.99
N VAL B 22 25.07 11.28 -1.86
CA VAL B 22 24.30 10.07 -1.56
C VAL B 22 23.18 9.90 -2.59
N GLY B 23 22.52 11.01 -2.92
CA GLY B 23 21.48 11.01 -3.95
C GLY B 23 22.01 10.68 -5.34
N LYS B 24 23.24 11.07 -5.61
CA LYS B 24 23.91 10.78 -6.89
C LYS B 24 24.06 9.28 -7.13
N MET B 25 24.51 8.56 -6.11
CA MET B 25 24.77 7.13 -6.28
C MET B 25 23.47 6.32 -6.42
N ILE B 26 22.43 6.74 -5.71
CA ILE B 26 21.11 6.11 -5.86
C ILE B 26 20.53 6.33 -7.27
N ASP B 27 20.77 7.51 -7.84
CA ASP B 27 20.42 7.77 -9.25
C ASP B 27 21.17 6.80 -10.16
N GLY B 28 22.45 6.57 -9.83
CA GLY B 28 23.28 5.60 -10.54
C GLY B 28 22.69 4.20 -10.54
N ILE B 29 22.36 3.70 -9.35
CA ILE B 29 21.67 2.40 -9.22
C ILE B 29 20.37 2.44 -10.00
N GLY B 30 19.61 3.51 -9.82
CA GLY B 30 18.35 3.71 -10.52
C GLY B 30 18.50 3.55 -12.03
N ARG B 31 19.32 4.41 -12.63
CA ARG B 31 19.57 4.39 -14.06
C ARG B 31 20.05 3.02 -14.53
N PHE B 32 20.97 2.42 -13.78
CA PHE B 32 21.53 1.11 -14.15
C PHE B 32 20.45 0.03 -14.22
N TYR B 33 19.67 -0.08 -13.14
CA TYR B 33 18.64 -1.10 -13.04
C TYR B 33 17.57 -0.92 -14.13
N ILE B 34 17.30 0.33 -14.49
CA ILE B 34 16.34 0.65 -15.55
C ILE B 34 16.84 0.10 -16.88
N GLN B 35 18.05 0.47 -17.26
CA GLN B 35 18.66 0.04 -18.50
C GLN B 35 18.74 -1.48 -18.57
N MET B 36 19.17 -2.08 -17.46
CA MET B 36 19.29 -3.53 -17.35
C MET B 36 17.95 -4.24 -17.54
N CYS B 37 16.88 -3.63 -17.02
CA CYS B 37 15.53 -4.18 -17.18
C CYS B 37 15.06 -4.18 -18.63
N THR B 38 15.31 -3.08 -19.34
CA THR B 38 14.92 -2.98 -20.75
C THR B 38 15.79 -3.87 -21.64
N GLU B 39 17.03 -4.09 -21.22
CA GLU B 39 17.94 -5.01 -21.90
C GLU B 39 17.38 -6.43 -21.85
N LEU B 40 16.82 -6.79 -20.70
CA LEU B 40 16.26 -8.12 -20.48
C LEU B 40 14.78 -8.17 -20.89
N LYS B 41 14.32 -7.11 -21.54
CA LYS B 41 12.93 -7.00 -21.99
C LYS B 41 11.94 -7.36 -20.88
N LEU B 42 12.27 -6.97 -19.66
CA LEU B 42 11.43 -7.21 -18.49
C LEU B 42 10.28 -6.23 -18.43
N SER B 43 9.16 -6.72 -17.90
CA SER B 43 8.01 -5.88 -17.57
C SER B 43 8.33 -5.07 -16.31
N ASP B 44 7.58 -3.99 -16.09
CA ASP B 44 7.72 -3.19 -14.88
C ASP B 44 7.37 -4.02 -13.63
N TYR B 45 6.25 -4.74 -13.69
CA TYR B 45 5.88 -5.68 -12.62
C TYR B 45 7.01 -6.69 -12.37
N GLU B 46 7.45 -7.35 -13.44
CA GLU B 46 8.56 -8.30 -13.39
C GLU B 46 9.87 -7.67 -12.93
N GLY B 47 10.05 -6.39 -13.26
CA GLY B 47 11.24 -5.64 -12.84
C GLY B 47 11.27 -5.40 -11.35
N ARG B 48 10.09 -5.37 -10.73
CA ARG B 48 9.95 -5.10 -9.30
C ARG B 48 9.85 -6.38 -8.47
N LEU B 49 10.10 -7.52 -9.13
CA LEU B 49 10.16 -8.79 -8.44
C LEU B 49 11.53 -8.89 -7.77
N ILE B 50 11.56 -8.81 -6.44
CA ILE B 50 12.82 -8.76 -5.69
C ILE B 50 13.86 -9.79 -6.17
N GLN B 51 13.39 -10.97 -6.57
CA GLN B 51 14.25 -12.05 -7.04
C GLN B 51 15.02 -11.66 -8.30
N ASN B 52 14.35 -10.98 -9.23
CA ASN B 52 15.00 -10.40 -10.40
C ASN B 52 16.02 -9.35 -10.00
N SER B 53 15.60 -8.45 -9.12
CA SER B 53 16.46 -7.40 -8.56
C SER B 53 17.75 -7.99 -7.99
N LEU B 54 17.63 -9.11 -7.28
CA LEU B 54 18.79 -9.79 -6.70
C LEU B 54 19.74 -10.35 -7.75
N THR B 55 19.19 -10.97 -8.80
CA THR B 55 20.02 -11.46 -9.91
C THR B 55 20.77 -10.31 -10.58
N ILE B 56 20.03 -9.27 -10.95
CA ILE B 56 20.59 -8.08 -11.59
C ILE B 56 21.67 -7.42 -10.71
N GLU B 57 21.42 -7.33 -9.41
CA GLU B 57 22.40 -6.79 -8.45
C GLU B 57 23.63 -7.68 -8.37
N ARG B 58 23.39 -9.00 -8.40
CA ARG B 58 24.46 -9.99 -8.34
C ARG B 58 25.32 -9.97 -9.59
N MET B 59 24.71 -9.63 -10.72
CA MET B 59 25.40 -9.57 -12.01
C MET B 59 26.49 -8.51 -12.04
N VAL B 60 26.15 -7.28 -11.63
CA VAL B 60 27.13 -6.18 -11.59
C VAL B 60 28.32 -6.52 -10.69
N LEU B 61 28.02 -7.05 -9.50
CA LEU B 61 29.05 -7.36 -8.51
C LEU B 61 29.99 -8.47 -8.97
N SER B 62 29.43 -9.45 -9.69
CA SER B 62 30.23 -10.50 -10.32
C SER B 62 31.14 -9.91 -11.40
N ALA B 63 30.59 -9.00 -12.20
CA ALA B 63 31.32 -8.34 -13.27
C ALA B 63 32.47 -7.47 -12.78
N PHE B 64 32.32 -6.89 -11.59
CA PHE B 64 33.36 -6.06 -10.99
C PHE B 64 34.18 -6.81 -9.94
N ASP B 65 33.95 -8.12 -9.83
CA ASP B 65 34.71 -8.96 -8.92
C ASP B 65 36.09 -9.22 -9.51
N GLU B 66 37.05 -8.37 -9.16
CA GLU B 66 38.42 -8.44 -9.70
C GLU B 66 39.11 -9.75 -9.35
N ARG B 67 38.97 -10.19 -8.10
CA ARG B 67 39.53 -11.45 -7.64
C ARG B 67 39.07 -12.63 -8.51
N ARG B 68 37.77 -12.71 -8.75
CA ARG B 68 37.19 -13.76 -9.57
C ARG B 68 37.60 -13.63 -11.04
N ASN B 69 37.60 -12.39 -11.55
CA ASN B 69 37.99 -12.12 -12.93
C ASN B 69 39.47 -12.34 -13.21
N LYS B 70 40.32 -11.93 -12.27
CA LYS B 70 41.76 -12.19 -12.34
C LYS B 70 42.05 -13.69 -12.32
N TYR B 71 41.28 -14.41 -11.50
CA TYR B 71 41.34 -15.87 -11.46
C TYR B 71 40.91 -16.47 -12.81
N LEU B 72 39.72 -16.08 -13.28
CA LEU B 72 39.17 -16.61 -14.53
C LEU B 72 40.08 -16.36 -15.74
N GLU B 73 40.93 -15.35 -15.64
CA GLU B 73 41.95 -15.06 -16.65
C GLU B 73 43.18 -15.94 -16.46
N GLU B 74 43.62 -16.04 -15.19
CA GLU B 74 44.77 -16.87 -14.82
C GLU B 74 44.47 -18.37 -14.91
N HIS B 75 43.20 -18.73 -14.73
CA HIS B 75 42.72 -20.10 -14.90
C HIS B 75 41.54 -20.11 -15.85
N PRO B 76 41.79 -20.42 -17.13
CA PRO B 76 40.73 -20.48 -18.16
C PRO B 76 39.72 -21.60 -17.90
N ASP B 81 31.59 -20.03 -20.12
CA ASP B 81 32.56 -19.03 -20.56
C ASP B 81 33.05 -18.17 -19.40
N PRO B 82 34.36 -17.83 -19.38
CA PRO B 82 34.91 -16.97 -18.33
C PRO B 82 34.53 -15.50 -18.49
N LYS B 83 34.11 -15.12 -19.70
CA LYS B 83 33.78 -13.73 -20.01
C LYS B 83 32.33 -13.38 -19.67
N LYS B 84 31.57 -14.35 -19.18
CA LYS B 84 30.14 -14.17 -18.95
C LYS B 84 29.72 -14.39 -17.49
N THR B 85 28.66 -13.69 -17.08
CA THR B 85 28.05 -13.87 -15.76
C THR B 85 26.54 -13.96 -15.88
N GLY B 86 25.92 -14.78 -15.05
CA GLY B 86 24.50 -15.03 -15.14
C GLY B 86 23.75 -15.05 -13.82
N GLY B 87 22.69 -15.84 -13.78
CA GLY B 87 21.81 -15.91 -12.63
C GLY B 87 20.38 -16.09 -13.11
N PRO B 88 19.51 -16.62 -12.24
CA PRO B 88 18.13 -16.88 -12.65
C PRO B 88 17.30 -15.59 -12.80
N ILE B 89 16.55 -15.51 -13.89
CA ILE B 89 15.59 -14.41 -14.10
C ILE B 89 14.20 -14.96 -14.38
N TYR B 90 13.20 -14.27 -13.85
CA TYR B 90 11.84 -14.81 -13.74
C TYR B 90 10.82 -14.00 -14.52
N ARG B 91 10.05 -14.67 -15.38
CA ARG B 91 9.01 -14.01 -16.18
C ARG B 91 7.68 -14.73 -16.03
N ARG B 92 6.60 -14.03 -16.36
CA ARG B 92 5.28 -14.65 -16.39
C ARG B 92 4.94 -14.98 -17.84
N VAL B 93 4.88 -16.28 -18.13
CA VAL B 93 4.60 -16.79 -19.46
C VAL B 93 3.47 -17.81 -19.32
N ASP B 94 2.47 -17.69 -20.20
CA ASP B 94 1.31 -18.59 -20.23
C ASP B 94 0.68 -18.79 -18.85
N GLY B 95 0.45 -17.67 -18.16
CA GLY B 95 -0.15 -17.66 -16.82
C GLY B 95 0.72 -18.25 -15.72
N LYS B 96 1.96 -18.59 -16.05
CA LYS B 96 2.87 -19.24 -15.10
C LYS B 96 4.22 -18.52 -14.97
N TRP B 97 4.82 -18.61 -13.78
CA TRP B 97 6.16 -18.10 -13.56
C TRP B 97 7.22 -19.07 -14.07
N ARG B 98 8.05 -18.58 -15.00
CA ARG B 98 9.13 -19.38 -15.57
C ARG B 98 10.47 -18.82 -15.16
N ARG B 99 11.41 -19.72 -14.85
CA ARG B 99 12.78 -19.36 -14.54
C ARG B 99 13.69 -19.68 -15.73
N GLU B 100 14.62 -18.77 -16.02
CA GLU B 100 15.61 -18.98 -17.07
C GLU B 100 16.99 -18.51 -16.63
N LEU B 101 18.01 -19.31 -16.95
CA LEU B 101 19.39 -18.93 -16.67
C LEU B 101 19.94 -18.10 -17.83
N ILE B 102 19.82 -16.79 -17.70
CA ILE B 102 20.32 -15.85 -18.69
C ILE B 102 21.79 -15.56 -18.43
N LEU B 103 22.63 -15.87 -19.42
CA LEU B 103 24.05 -15.52 -19.39
C LEU B 103 24.27 -14.15 -20.04
N TYR B 104 25.11 -13.33 -19.42
CA TYR B 104 25.34 -11.97 -19.90
C TYR B 104 26.84 -11.62 -19.88
N ASP B 105 27.24 -10.77 -20.82
CA ASP B 105 28.64 -10.38 -21.00
C ASP B 105 29.13 -9.44 -19.90
N LYS B 106 30.18 -9.86 -19.20
CA LYS B 106 30.71 -9.10 -18.05
C LYS B 106 31.09 -7.66 -18.41
N GLU B 107 31.81 -7.49 -19.52
CA GLU B 107 32.25 -6.16 -19.99
C GLU B 107 31.07 -5.26 -20.35
N GLU B 108 30.05 -5.84 -20.98
CA GLU B 108 28.82 -5.11 -21.29
C GLU B 108 28.16 -4.60 -20.00
N ILE B 109 28.06 -5.47 -18.99
CA ILE B 109 27.51 -5.10 -17.69
C ILE B 109 28.28 -3.92 -17.09
N ARG B 110 29.60 -4.03 -17.09
CA ARG B 110 30.49 -2.98 -16.61
C ARG B 110 30.32 -1.67 -17.37
N ARG B 111 30.13 -1.77 -18.69
CA ARG B 111 29.90 -0.61 -19.54
C ARG B 111 28.58 0.07 -19.17
N ILE B 112 27.52 -0.71 -19.09
CA ILE B 112 26.19 -0.23 -18.66
C ILE B 112 26.23 0.39 -17.25
N TRP B 113 27.01 -0.20 -16.36
CA TRP B 113 27.19 0.37 -15.03
C TRP B 113 27.84 1.77 -15.08
N ARG B 114 28.97 1.87 -15.78
CA ARG B 114 29.70 3.13 -15.90
C ARG B 114 28.85 4.22 -16.54
N GLN B 115 28.17 3.87 -17.63
CA GLN B 115 27.27 4.79 -18.33
C GLN B 115 26.14 5.28 -17.44
N ALA B 116 25.67 4.42 -16.53
CA ALA B 116 24.60 4.77 -15.60
C ALA B 116 25.09 5.71 -14.51
N ASN B 117 26.35 5.55 -14.13
CA ASN B 117 26.99 6.41 -13.13
C ASN B 117 27.87 7.47 -13.79
N ASN B 118 27.46 7.88 -14.99
CA ASN B 118 28.06 9.01 -15.72
C ASN B 118 29.56 8.87 -15.99
N GLY B 119 30.00 7.66 -16.28
CA GLY B 119 31.39 7.41 -16.68
C GLY B 119 32.28 6.82 -15.60
N ASP B 120 31.94 7.07 -14.35
CA ASP B 120 32.74 6.56 -13.22
C ASP B 120 32.42 5.11 -12.90
N ASP B 121 33.39 4.40 -12.34
CA ASP B 121 33.18 3.01 -11.92
C ASP B 121 32.42 2.92 -10.60
N ALA B 122 32.14 4.08 -10.01
CA ALA B 122 31.28 4.24 -8.83
C ALA B 122 31.18 3.02 -7.91
N THR B 123 32.27 2.75 -7.19
CA THR B 123 32.31 1.61 -6.25
C THR B 123 31.40 1.82 -5.06
N ALA B 124 31.11 3.09 -4.74
CA ALA B 124 30.21 3.44 -3.64
C ALA B 124 28.81 2.86 -3.84
N GLY B 125 28.34 2.90 -5.09
CA GLY B 125 27.03 2.38 -5.47
C GLY B 125 26.95 0.86 -5.42
N LEU B 126 28.04 0.22 -5.82
CA LEU B 126 28.16 -1.24 -5.71
C LEU B 126 28.18 -1.69 -4.24
N THR B 127 28.98 -1.01 -3.43
CA THR B 127 29.04 -1.29 -1.98
C THR B 127 27.67 -1.14 -1.33
N HIS B 128 26.90 -0.15 -1.77
CA HIS B 128 25.54 0.06 -1.29
C HIS B 128 24.66 -1.16 -1.55
N MET B 129 24.83 -1.78 -2.72
CA MET B 129 24.08 -2.97 -3.09
C MET B 129 24.61 -4.21 -2.37
N MET B 130 25.85 -4.13 -1.90
CA MET B 130 26.44 -5.20 -1.09
C MET B 130 25.92 -5.12 0.33
N ILE B 131 25.80 -3.90 0.86
CA ILE B 131 25.28 -3.69 2.21
C ILE B 131 23.80 -4.07 2.27
N TRP B 132 23.08 -3.90 1.15
CA TRP B 132 21.71 -4.42 1.03
C TRP B 132 21.66 -5.95 1.13
N HIS B 133 22.51 -6.65 0.37
CA HIS B 133 22.58 -8.11 0.43
C HIS B 133 23.02 -8.61 1.81
N SER B 134 24.00 -7.93 2.41
CA SER B 134 24.48 -8.24 3.75
C SER B 134 23.39 -8.09 4.81
N ASN B 135 22.61 -7.00 4.70
CA ASN B 135 21.46 -6.80 5.58
C ASN B 135 20.41 -7.87 5.36
N LEU B 136 20.28 -8.33 4.11
CA LEU B 136 19.37 -9.43 3.77
C LEU B 136 19.82 -10.76 4.36
N ASN B 137 21.13 -11.00 4.34
CA ASN B 137 21.71 -12.22 4.90
C ASN B 137 21.55 -12.31 6.41
N ASP B 138 21.66 -11.16 7.08
CA ASP B 138 21.48 -11.08 8.52
C ASP B 138 20.02 -11.33 8.93
N ALA B 139 19.09 -10.86 8.11
CA ALA B 139 17.66 -11.02 8.38
C ALA B 139 17.14 -12.44 8.10
N THR B 140 17.81 -13.16 7.19
CA THR B 140 17.33 -14.45 6.70
C THR B 140 17.75 -15.62 7.58
N TYR B 141 19.02 -15.67 7.97
CA TYR B 141 19.54 -16.82 8.73
C TYR B 141 20.62 -16.46 9.75
N GLN B 142 20.57 -17.12 10.90
CA GLN B 142 21.59 -17.02 11.93
C GLN B 142 22.78 -17.92 11.57
N ARG B 143 23.98 -17.34 11.53
CA ARG B 143 25.16 -18.03 11.03
C ARG B 143 26.07 -18.54 12.16
N THR B 144 25.61 -19.59 12.85
CA THR B 144 26.32 -20.18 13.97
C THR B 144 27.58 -20.96 13.57
N ARG B 145 27.55 -21.56 12.38
CA ARG B 145 28.65 -22.41 11.91
C ARG B 145 29.96 -21.64 11.71
N ALA B 146 29.86 -20.41 11.18
CA ALA B 146 31.03 -19.57 10.96
C ALA B 146 31.60 -19.04 12.27
N LEU B 147 30.72 -18.87 13.26
CA LEU B 147 31.12 -18.47 14.61
C LEU B 147 31.88 -19.58 15.32
N VAL B 148 31.29 -20.78 15.30
CA VAL B 148 31.88 -21.96 15.93
C VAL B 148 33.26 -22.28 15.33
N ARG B 149 33.35 -22.24 14.00
CA ARG B 149 34.59 -22.52 13.28
C ARG B 149 35.70 -21.52 13.60
N THR B 150 35.33 -20.24 13.72
CA THR B 150 36.27 -19.18 14.03
C THR B 150 36.82 -19.28 15.46
N GLY B 151 36.02 -19.86 16.36
CA GLY B 151 36.43 -20.03 17.75
C GLY B 151 35.59 -19.26 18.75
N MET B 152 34.66 -18.43 18.23
CA MET B 152 33.76 -17.65 19.09
C MET B 152 32.41 -18.33 19.35
N ASP B 153 31.55 -17.66 20.10
CA ASP B 153 30.27 -18.22 20.56
C ASP B 153 29.19 -18.08 19.48
N PRO B 154 28.46 -19.18 19.18
CA PRO B 154 27.29 -19.13 18.30
C PRO B 154 26.20 -18.18 18.80
N ARG B 155 26.27 -17.81 20.08
CA ARG B 155 25.30 -16.89 20.68
C ARG B 155 25.67 -15.42 20.43
N MET B 156 26.89 -15.18 19.93
CA MET B 156 27.39 -13.84 19.62
C MET B 156 26.85 -13.29 18.31
N CYS B 157 25.70 -13.80 17.86
CA CYS B 157 25.19 -13.47 16.53
C CYS B 157 24.78 -12.01 16.37
N SER B 158 24.38 -11.36 17.46
CA SER B 158 23.95 -9.96 17.44
C SER B 158 25.11 -9.00 17.18
N LEU B 159 26.33 -9.48 17.39
CA LEU B 159 27.54 -8.71 17.08
C LEU B 159 28.07 -9.02 15.67
N MET B 160 27.26 -9.70 14.87
CA MET B 160 27.73 -10.23 13.58
C MET B 160 27.12 -9.59 12.33
N GLN B 161 26.81 -8.30 12.43
CA GLN B 161 26.34 -7.53 11.27
C GLN B 161 27.47 -7.35 10.27
N GLY B 162 27.20 -7.70 9.01
CA GLY B 162 28.13 -7.45 7.92
C GLY B 162 29.29 -8.42 7.80
N SER B 163 29.14 -9.60 8.39
CA SER B 163 30.17 -10.63 8.31
C SER B 163 30.22 -11.28 6.92
N THR B 164 29.09 -11.24 6.22
CA THR B 164 28.97 -11.76 4.86
C THR B 164 29.64 -10.86 3.82
N LEU B 165 30.11 -9.70 4.25
CA LEU B 165 30.84 -8.77 3.39
C LEU B 165 32.30 -9.18 3.26
N PRO B 166 32.99 -8.75 2.18
CA PRO B 166 34.42 -8.96 2.05
C PRO B 166 35.23 -8.11 3.05
N ARG B 167 36.54 -8.37 3.15
CA ARG B 167 37.42 -7.61 4.02
C ARG B 167 37.59 -6.18 3.51
N ARG B 168 38.07 -6.05 2.28
CA ARG B 168 38.15 -4.75 1.60
C ARG B 168 36.80 -4.45 0.97
N SER B 169 35.89 -3.93 1.78
CA SER B 169 34.52 -3.62 1.35
C SER B 169 34.34 -2.15 0.97
N GLY B 170 35.08 -1.28 1.65
CA GLY B 170 34.95 0.17 1.43
C GLY B 170 34.63 0.89 2.73
N ALA B 171 34.63 2.21 2.67
CA ALA B 171 34.41 3.05 3.85
C ALA B 171 33.03 2.80 4.48
N ALA B 172 32.01 2.69 3.64
CA ALA B 172 30.65 2.42 4.10
C ALA B 172 30.55 1.00 4.64
N GLY B 173 31.25 0.07 3.99
CA GLY B 173 31.26 -1.33 4.39
C GLY B 173 31.84 -1.55 5.77
N ALA B 174 32.93 -0.85 6.06
CA ALA B 174 33.59 -0.92 7.36
C ALA B 174 32.71 -0.38 8.48
N ALA B 175 32.01 0.71 8.21
CA ALA B 175 31.14 1.35 9.19
C ALA B 175 29.99 0.44 9.62
N VAL B 176 29.47 -0.32 8.65
CA VAL B 176 28.31 -1.16 8.87
C VAL B 176 28.62 -2.40 9.71
N LYS B 177 29.83 -2.95 9.54
CA LYS B 177 30.26 -4.18 10.23
C LYS B 177 30.16 -4.11 11.75
N GLY B 178 29.79 -5.22 12.37
CA GLY B 178 29.67 -5.32 13.83
C GLY B 178 30.98 -5.62 14.53
N VAL B 179 30.98 -5.53 15.86
CA VAL B 179 32.19 -5.79 16.65
C VAL B 179 32.70 -7.22 16.44
N GLY B 180 31.79 -8.19 16.58
CA GLY B 180 32.12 -9.60 16.41
C GLY B 180 32.58 -9.92 15.00
N THR B 181 31.99 -9.25 14.02
CA THR B 181 32.41 -9.32 12.63
C THR B 181 33.88 -8.95 12.53
N MET B 182 34.23 -7.78 13.06
CA MET B 182 35.60 -7.29 13.06
C MET B 182 36.56 -8.23 13.78
N VAL B 183 36.14 -8.70 14.96
CA VAL B 183 36.94 -9.61 15.78
C VAL B 183 37.20 -10.93 15.04
N MET B 184 36.17 -11.45 14.38
CA MET B 184 36.27 -12.67 13.56
C MET B 184 37.34 -12.55 12.49
N GLU B 185 37.30 -11.45 11.73
CA GLU B 185 38.30 -11.15 10.70
C GLU B 185 39.72 -11.14 11.29
N LEU B 186 39.86 -10.52 12.46
CA LEU B 186 41.13 -10.44 13.15
C LEU B 186 41.61 -11.81 13.62
N ILE B 187 40.69 -12.61 14.15
CA ILE B 187 40.99 -13.97 14.62
C ILE B 187 41.46 -14.88 13.48
N ARG B 188 40.81 -14.77 12.31
CA ARG B 188 41.19 -15.54 11.13
C ARG B 188 42.64 -15.25 10.74
N MET B 189 43.03 -13.98 10.87
CA MET B 189 44.40 -13.55 10.58
C MET B 189 45.40 -14.07 11.60
N ILE B 190 45.03 -14.00 12.88
CA ILE B 190 45.87 -14.51 13.97
C ILE B 190 46.24 -15.97 13.73
N LYS B 191 45.28 -16.74 13.21
CA LYS B 191 45.50 -18.13 12.84
C LYS B 191 46.49 -18.24 11.69
N ARG B 192 46.26 -17.45 10.64
CA ARG B 192 47.15 -17.42 9.48
C ARG B 192 48.43 -16.62 9.77
N ARG B 207 52.84 -5.43 4.05
CA ARG B 207 51.57 -4.98 3.50
C ARG B 207 50.38 -5.59 4.26
N THR B 208 50.43 -6.90 4.48
CA THR B 208 49.37 -7.61 5.22
C THR B 208 49.49 -7.42 6.74
N ARG B 209 50.58 -6.79 7.17
CA ARG B 209 50.74 -6.34 8.56
C ARG B 209 50.23 -4.91 8.71
N ILE B 210 50.32 -4.14 7.62
CA ILE B 210 49.82 -2.77 7.58
C ILE B 210 48.29 -2.72 7.63
N ALA B 211 47.66 -3.71 7.00
CA ALA B 211 46.21 -3.88 7.04
C ALA B 211 45.75 -4.32 8.43
N TYR B 212 46.57 -5.13 9.09
CA TYR B 212 46.32 -5.60 10.46
C TYR B 212 46.24 -4.41 11.42
N GLU B 213 47.18 -3.48 11.28
CA GLU B 213 47.18 -2.24 12.04
C GLU B 213 46.06 -1.30 11.59
N ARG B 214 45.64 -1.42 10.33
CA ARG B 214 44.55 -0.61 9.78
C ARG B 214 43.18 -1.11 10.23
N MET B 215 43.04 -2.43 10.31
CA MET B 215 41.78 -3.06 10.74
C MET B 215 41.56 -2.93 12.24
N CYS B 216 42.65 -2.88 13.01
CA CYS B 216 42.59 -2.71 14.46
C CYS B 216 42.00 -1.36 14.84
N ASN B 217 42.32 -0.33 14.04
CA ASN B 217 41.76 1.00 14.19
C ASN B 217 40.26 1.03 13.89
N ILE B 218 39.84 0.23 12.91
CA ILE B 218 38.42 0.09 12.57
C ILE B 218 37.65 -0.47 13.77
N LEU B 219 38.19 -1.52 14.39
CA LEU B 219 37.60 -2.09 15.60
C LEU B 219 37.66 -1.11 16.77
N LYS B 220 38.82 -0.45 16.93
CA LYS B 220 39.04 0.50 18.02
C LYS B 220 38.06 1.66 17.99
N GLY B 221 37.73 2.14 16.78
CA GLY B 221 36.80 3.25 16.61
C GLY B 221 35.35 2.89 16.82
N LYS B 222 35.10 1.68 17.33
CA LYS B 222 33.75 1.21 17.57
C LYS B 222 33.44 1.05 19.05
N PHE B 223 34.46 0.71 19.84
CA PHE B 223 34.33 0.68 21.29
C PHE B 223 34.18 2.09 21.83
N GLN B 224 33.16 2.30 22.66
CA GLN B 224 32.83 3.62 23.18
C GLN B 224 33.61 3.97 24.45
N THR B 225 33.89 2.94 25.25
CA THR B 225 34.64 3.11 26.48
C THR B 225 36.15 3.09 26.22
N ALA B 226 36.90 3.86 27.00
CA ALA B 226 38.36 3.90 26.89
C ALA B 226 38.98 2.59 27.39
N ALA B 227 38.26 1.89 28.27
CA ALA B 227 38.71 0.61 28.81
C ALA B 227 38.82 -0.47 27.74
N GLN B 228 37.74 -0.65 26.98
CA GLN B 228 37.72 -1.59 25.85
C GLN B 228 38.69 -1.15 24.76
N ARG B 229 38.75 0.15 24.50
CA ARG B 229 39.59 0.71 23.44
C ARG B 229 41.08 0.49 23.67
N THR B 230 41.49 0.48 24.94
CA THR B 230 42.89 0.26 25.33
C THR B 230 43.31 -1.18 25.11
N MET B 231 42.41 -2.12 25.40
CA MET B 231 42.65 -3.54 25.16
C MET B 231 42.79 -3.84 23.66
N VAL B 232 42.08 -3.07 22.84
CA VAL B 232 42.21 -3.15 21.37
C VAL B 232 43.57 -2.60 20.91
N ASP B 233 44.14 -1.68 21.67
CA ASP B 233 45.47 -1.14 21.38
C ASP B 233 46.58 -2.11 21.76
N GLN B 234 46.36 -2.87 22.84
CA GLN B 234 47.28 -3.91 23.30
C GLN B 234 47.54 -4.95 22.21
N VAL B 235 46.46 -5.39 21.55
CA VAL B 235 46.54 -6.32 20.44
C VAL B 235 47.12 -5.68 19.18
N ARG B 236 46.98 -4.35 19.08
CA ARG B 236 47.42 -3.61 17.89
C ARG B 236 48.94 -3.52 17.77
N GLU B 237 49.64 -3.53 18.90
CA GLU B 237 51.09 -3.43 18.93
C GLU B 237 51.73 -4.77 19.28
N SER B 238 51.72 -5.69 18.32
CA SER B 238 52.27 -7.04 18.50
C SER B 238 52.58 -7.69 17.14
N ARG B 239 53.48 -8.67 17.15
CA ARG B 239 53.84 -9.42 15.94
C ARG B 239 54.24 -10.86 16.27
N PRO B 241 51.16 -12.80 16.61
CA PRO B 241 50.25 -12.70 17.76
C PRO B 241 49.82 -14.06 18.28
N GLY B 242 50.19 -14.37 19.51
CA GLY B 242 49.91 -15.68 20.12
C GLY B 242 48.47 -15.90 20.54
N ASN B 243 48.26 -16.91 21.38
CA ASN B 243 46.94 -17.24 21.91
C ASN B 243 46.36 -16.15 22.81
N ALA B 244 47.25 -15.42 23.48
CA ALA B 244 46.86 -14.31 24.36
C ALA B 244 46.05 -13.25 23.62
N GLU B 245 46.49 -12.91 22.41
CA GLU B 245 45.79 -11.97 21.55
C GLU B 245 44.41 -12.51 21.15
N PHE B 246 44.36 -13.76 20.71
CA PHE B 246 43.10 -14.43 20.40
C PHE B 246 42.14 -14.41 21.60
N GLU B 247 42.70 -14.60 22.79
CA GLU B 247 41.91 -14.57 24.03
C GLU B 247 41.43 -13.16 24.36
N ASP B 248 42.29 -12.17 24.15
CA ASP B 248 41.93 -10.75 24.33
C ASP B 248 40.76 -10.36 23.44
N LEU B 249 40.85 -10.74 22.16
CA LEU B 249 39.81 -10.45 21.16
C LEU B 249 38.46 -11.06 21.52
N ILE B 250 38.48 -12.31 21.98
CA ILE B 250 37.25 -13.02 22.36
C ILE B 250 36.60 -12.45 23.62
N PHE B 251 37.43 -12.01 24.57
CA PHE B 251 36.95 -11.36 25.78
C PHE B 251 36.32 -10.00 25.45
N LEU B 252 37.03 -9.22 24.62
CA LEU B 252 36.54 -7.93 24.14
C LEU B 252 35.26 -8.09 23.30
N ALA B 253 35.19 -9.16 22.53
CA ALA B 253 34.00 -9.49 21.75
C ALA B 253 32.83 -9.85 22.65
N ARG B 254 33.12 -10.57 23.74
CA ARG B 254 32.11 -10.89 24.77
C ARG B 254 31.65 -9.63 25.47
N SER B 255 32.58 -8.70 25.70
CA SER B 255 32.29 -7.42 26.33
C SER B 255 31.31 -6.56 25.52
N ALA B 256 31.32 -6.74 24.20
CA ALA B 256 30.44 -6.00 23.29
C ALA B 256 28.97 -6.36 23.46
N LEU B 257 28.70 -7.51 24.08
CA LEU B 257 27.33 -7.92 24.37
C LEU B 257 26.65 -7.01 25.40
N ILE B 258 27.44 -6.53 26.37
CA ILE B 258 26.94 -5.65 27.42
C ILE B 258 27.37 -4.20 27.16
N LEU B 259 28.68 -3.97 27.10
CA LEU B 259 29.23 -2.67 26.74
C LEU B 259 29.34 -2.58 25.22
N ARG B 260 28.21 -2.25 24.59
CA ARG B 260 28.06 -2.31 23.12
C ARG B 260 28.96 -1.35 22.34
N GLY B 261 29.15 -1.66 21.06
CA GLY B 261 30.01 -0.87 20.18
C GLY B 261 29.27 0.06 19.23
N SER B 262 30.02 1.01 18.66
CA SER B 262 29.48 1.96 17.70
C SER B 262 29.42 1.36 16.30
N VAL B 263 28.24 0.85 15.95
CA VAL B 263 28.01 0.17 14.68
C VAL B 263 27.00 0.98 13.87
N ALA B 264 27.39 1.41 12.68
CA ALA B 264 26.52 2.18 11.78
C ALA B 264 25.44 1.29 11.15
N HIS B 265 24.22 1.83 11.08
CA HIS B 265 23.10 1.15 10.44
C HIS B 265 22.55 1.99 9.29
N LYS B 266 22.61 1.42 8.08
CA LYS B 266 22.17 2.12 6.87
C LYS B 266 20.98 1.40 6.25
N SER B 267 20.03 2.17 5.74
CA SER B 267 18.91 1.61 4.98
C SER B 267 19.27 1.52 3.51
N CYS B 268 19.51 0.29 3.06
CA CYS B 268 19.88 0.02 1.68
C CYS B 268 18.87 -0.92 1.06
N LEU B 269 18.18 -0.42 0.04
CA LEU B 269 17.01 -1.09 -0.53
C LEU B 269 17.38 -1.85 -1.82
N PRO B 270 16.50 -2.76 -2.27
CA PRO B 270 16.74 -3.41 -3.56
C PRO B 270 16.86 -2.38 -4.68
N ALA B 271 17.71 -2.67 -5.66
CA ALA B 271 17.94 -1.79 -6.80
C ALA B 271 16.66 -1.45 -7.55
N CYS B 272 15.69 -2.37 -7.53
CA CYS B 272 14.42 -2.18 -8.22
C CYS B 272 13.63 -1.01 -7.67
N VAL B 273 13.71 -0.81 -6.36
CA VAL B 273 13.07 0.32 -5.68
C VAL B 273 13.61 1.64 -6.24
N TYR B 274 14.92 1.74 -6.36
CA TYR B 274 15.58 2.93 -6.86
C TYR B 274 15.31 3.15 -8.35
N GLY B 275 15.38 2.07 -9.13
CA GLY B 275 15.10 2.13 -10.56
C GLY B 275 13.70 2.65 -10.83
N SER B 276 12.72 2.08 -10.12
CA SER B 276 11.32 2.46 -10.23
C SER B 276 11.05 3.92 -9.84
N ALA B 277 11.78 4.42 -8.85
CA ALA B 277 11.65 5.81 -8.43
C ALA B 277 12.20 6.75 -9.52
N VAL B 278 13.43 6.50 -9.95
CA VAL B 278 14.07 7.26 -11.02
C VAL B 278 13.22 7.19 -12.30
N ALA B 279 12.66 6.03 -12.59
CA ALA B 279 11.72 5.86 -13.71
C ALA B 279 10.48 6.74 -13.55
N SER B 280 9.80 6.64 -12.40
CA SER B 280 8.59 7.42 -12.14
C SER B 280 8.83 8.93 -12.08
N GLY B 281 10.10 9.33 -11.96
CA GLY B 281 10.47 10.74 -12.01
C GLY B 281 10.89 11.34 -10.69
N TYR B 282 11.57 10.55 -9.86
CA TYR B 282 12.19 11.07 -8.66
C TYR B 282 13.68 11.31 -8.93
N ASP B 283 14.11 12.55 -8.77
CA ASP B 283 15.48 12.95 -9.06
C ASP B 283 16.28 13.05 -7.75
N PHE B 284 16.85 11.91 -7.33
CA PHE B 284 17.59 11.82 -6.07
C PHE B 284 18.78 12.79 -6.00
N GLU B 285 19.36 13.10 -7.15
CA GLU B 285 20.45 14.07 -7.25
C GLU B 285 20.00 15.46 -6.79
N ARG B 286 18.85 15.90 -7.31
CA ARG B 286 18.30 17.20 -6.96
C ARG B 286 17.62 17.18 -5.58
N GLU B 287 16.86 16.12 -5.33
CA GLU B 287 16.07 16.00 -4.09
C GLU B 287 16.95 15.71 -2.88
N GLY B 288 18.15 15.20 -3.13
CA GLY B 288 19.01 14.71 -2.06
C GLY B 288 18.51 13.34 -1.61
N TYR B 289 19.18 12.77 -0.61
CA TYR B 289 18.79 11.47 -0.05
C TYR B 289 19.69 11.11 1.12
N SER B 290 19.13 10.38 2.09
CA SER B 290 19.91 9.82 3.18
C SER B 290 19.56 8.35 3.39
N LEU B 291 20.47 7.62 4.02
CA LEU B 291 20.28 6.20 4.31
C LEU B 291 19.95 5.99 5.79
N VAL B 292 19.97 7.09 6.54
CA VAL B 292 19.74 7.05 8.00
C VAL B 292 18.59 7.98 8.42
N GLY B 293 18.06 8.75 7.47
CA GLY B 293 17.00 9.71 7.73
C GLY B 293 15.59 9.23 7.39
N ILE B 294 14.72 10.18 7.06
CA ILE B 294 13.33 9.89 6.73
C ILE B 294 13.20 9.30 5.32
N ASP B 295 14.17 9.64 4.47
CA ASP B 295 14.13 9.33 3.04
C ASP B 295 13.73 7.89 2.65
N PRO B 296 14.46 6.88 3.18
CA PRO B 296 14.17 5.50 2.75
C PRO B 296 12.76 5.06 3.12
N PHE B 297 12.30 5.43 4.32
CA PHE B 297 10.94 5.18 4.76
C PHE B 297 9.93 5.78 3.79
N ARG B 298 10.22 7.02 3.37
CA ARG B 298 9.37 7.74 2.42
C ARG B 298 9.33 7.07 1.05
N LEU B 299 10.48 6.61 0.57
CA LEU B 299 10.56 5.93 -0.71
C LEU B 299 9.77 4.61 -0.71
N LEU B 300 9.88 3.87 0.40
CA LEU B 300 9.15 2.60 0.55
C LEU B 300 7.64 2.81 0.60
N GLN B 301 7.21 3.91 1.21
CA GLN B 301 5.79 4.30 1.25
C GLN B 301 5.26 4.51 -0.16
N ASN B 302 6.16 4.82 -1.09
CA ASN B 302 5.81 5.08 -2.48
C ASN B 302 6.38 4.02 -3.43
N SER B 303 6.71 2.86 -2.86
CA SER B 303 7.22 1.75 -3.62
C SER B 303 6.31 0.54 -3.51
N GLN B 304 6.34 -0.31 -4.53
CA GLN B 304 5.65 -1.58 -4.53
C GLN B 304 6.59 -2.67 -5.03
N VAL B 305 7.14 -3.44 -4.10
CA VAL B 305 8.03 -4.55 -4.43
C VAL B 305 7.27 -5.87 -4.41
N TYR B 306 7.57 -6.74 -5.38
CA TYR B 306 6.99 -8.07 -5.44
C TYR B 306 7.98 -9.15 -5.03
N SER B 307 7.46 -10.31 -4.64
CA SER B 307 8.28 -11.47 -4.32
C SER B 307 7.56 -12.73 -4.72
N LEU B 308 8.31 -13.72 -5.18
CA LEU B 308 7.78 -15.04 -5.46
C LEU B 308 7.54 -15.77 -4.16
N ILE B 309 6.51 -16.60 -4.13
CA ILE B 309 6.11 -17.26 -2.90
C ILE B 309 5.94 -18.77 -3.08
N ARG B 310 6.33 -19.51 -2.04
CA ARG B 310 6.20 -20.96 -2.01
C ARG B 310 4.83 -21.37 -1.43
N PRO B 311 4.32 -22.56 -1.81
CA PRO B 311 3.01 -23.10 -1.44
C PRO B 311 2.47 -22.73 -0.05
N ASN B 312 3.25 -23.00 0.99
CA ASN B 312 2.75 -22.83 2.36
C ASN B 312 3.34 -21.63 3.08
N GLU B 313 3.74 -20.62 2.32
CA GLU B 313 4.37 -19.43 2.88
C GLU B 313 3.37 -18.30 3.12
N ASN B 314 3.51 -17.64 4.26
CA ASN B 314 2.72 -16.45 4.59
C ASN B 314 3.43 -15.21 4.06
N PRO B 315 2.81 -14.52 3.07
CA PRO B 315 3.39 -13.31 2.46
C PRO B 315 3.72 -12.20 3.45
N ALA B 316 2.98 -12.16 4.56
CA ALA B 316 3.22 -11.18 5.63
C ALA B 316 4.55 -11.46 6.34
N HIS B 317 4.88 -12.74 6.51
CA HIS B 317 6.14 -13.12 7.12
C HIS B 317 7.32 -12.93 6.18
N LYS B 318 7.06 -13.06 4.88
CA LYS B 318 8.04 -12.76 3.85
C LYS B 318 8.35 -11.26 3.86
N SER B 319 7.29 -10.47 4.04
CA SER B 319 7.38 -9.01 4.05
C SER B 319 8.10 -8.49 5.28
N GLN B 320 7.92 -9.18 6.41
CA GLN B 320 8.61 -8.82 7.65
C GLN B 320 10.10 -9.03 7.49
N LEU B 321 10.47 -10.15 6.86
CA LEU B 321 11.87 -10.50 6.61
C LEU B 321 12.56 -9.41 5.79
N VAL B 322 11.98 -9.07 4.65
CA VAL B 322 12.54 -8.07 3.73
C VAL B 322 12.56 -6.69 4.39
N TRP B 323 11.53 -6.39 5.19
CA TRP B 323 11.45 -5.15 5.93
C TRP B 323 12.62 -4.96 6.88
N MET B 324 12.90 -5.99 7.67
CA MET B 324 14.00 -5.99 8.62
C MET B 324 15.35 -5.82 7.93
N ALA B 325 15.49 -6.44 6.76
CA ALA B 325 16.70 -6.30 5.94
C ALA B 325 16.83 -4.88 5.41
N CYS B 326 15.72 -4.32 4.94
CA CYS B 326 15.69 -2.99 4.37
C CYS B 326 16.16 -1.91 5.34
N HIS B 327 16.09 -2.19 6.63
CA HIS B 327 16.40 -1.20 7.64
C HIS B 327 17.46 -1.64 8.66
N SER B 328 18.30 -2.61 8.28
CA SER B 328 19.37 -3.15 9.15
C SER B 328 18.86 -3.61 10.52
N ALA B 329 17.65 -4.16 10.55
CA ALA B 329 16.93 -4.38 11.80
C ALA B 329 16.98 -5.81 12.36
N ALA B 330 17.73 -6.69 11.71
CA ALA B 330 17.82 -8.10 12.11
C ALA B 330 18.08 -8.27 13.61
N PHE B 331 19.09 -7.57 14.13
CA PHE B 331 19.51 -7.74 15.52
C PHE B 331 18.87 -6.74 16.49
N GLU B 332 17.87 -5.99 16.01
CA GLU B 332 17.10 -5.07 16.84
C GLU B 332 16.19 -5.78 17.83
N ASP B 333 15.77 -5.01 18.84
CA ASP B 333 14.69 -5.39 19.74
C ASP B 333 13.41 -5.55 18.92
N LEU B 334 12.78 -6.72 19.03
CA LEU B 334 11.54 -7.01 18.31
C LEU B 334 10.40 -6.07 18.70
N ARG B 335 10.46 -5.55 19.93
CA ARG B 335 9.43 -4.64 20.43
C ARG B 335 9.48 -3.29 19.73
N VAL B 336 10.68 -2.72 19.61
CA VAL B 336 10.86 -1.42 18.96
C VAL B 336 10.57 -1.51 17.45
N SER B 337 10.96 -2.62 16.84
CA SER B 337 10.67 -2.89 15.43
C SER B 337 9.16 -2.98 15.19
N SER B 338 8.47 -3.69 16.09
CA SER B 338 7.01 -3.81 16.04
C SER B 338 6.32 -2.47 16.20
N PHE B 339 6.84 -1.65 17.12
CA PHE B 339 6.27 -0.33 17.39
C PHE B 339 6.38 0.62 16.19
N ILE B 340 7.52 0.59 15.51
CA ILE B 340 7.73 1.41 14.32
C ILE B 340 6.90 0.88 13.14
N ARG B 341 6.93 -0.44 12.93
CA ARG B 341 6.30 -1.08 11.79
C ARG B 341 4.78 -0.94 11.81
N GLY B 342 4.17 -1.26 12.94
CA GLY B 342 2.72 -1.23 13.08
C GLY B 342 2.18 -2.60 13.47
N THR B 343 2.56 -3.61 12.67
CA THR B 343 2.23 -4.99 12.97
C THR B 343 3.37 -5.64 13.74
N LYS B 344 3.09 -6.80 14.33
CA LYS B 344 4.04 -7.47 15.22
C LYS B 344 5.21 -8.08 14.46
N VAL B 345 6.42 -7.80 14.92
CA VAL B 345 7.63 -8.36 14.33
C VAL B 345 8.03 -9.64 15.08
N VAL B 346 7.61 -10.76 14.51
CA VAL B 346 7.76 -12.10 15.09
C VAL B 346 9.22 -12.58 15.01
N PRO B 347 9.68 -13.36 16.01
CA PRO B 347 11.00 -13.99 15.94
C PRO B 347 11.16 -14.97 14.76
N ARG B 348 12.40 -15.19 14.34
CA ARG B 348 12.73 -15.98 13.14
C ARG B 348 12.17 -17.41 13.12
N GLY B 349 12.10 -18.03 14.30
CA GLY B 349 11.68 -19.42 14.44
C GLY B 349 10.18 -19.62 14.41
N LYS B 350 9.42 -18.53 14.54
CA LYS B 350 7.96 -18.57 14.47
C LYS B 350 7.48 -17.88 13.19
N LEU B 351 8.28 -17.99 12.14
CA LEU B 351 8.02 -17.31 10.88
C LEU B 351 7.74 -18.32 9.76
N SER B 352 6.54 -18.25 9.20
CA SER B 352 6.09 -19.19 8.16
C SER B 352 6.56 -18.78 6.76
N THR B 353 7.88 -18.75 6.58
CA THR B 353 8.50 -18.48 5.29
C THR B 353 9.96 -18.91 5.31
N ARG B 354 10.50 -19.22 4.14
CA ARG B 354 11.93 -19.47 3.98
C ARG B 354 12.56 -18.28 3.23
N GLY B 355 13.85 -18.39 2.93
CA GLY B 355 14.60 -17.31 2.27
C GLY B 355 13.98 -16.72 1.02
N VAL B 356 14.43 -15.52 0.66
CA VAL B 356 13.89 -14.77 -0.47
C VAL B 356 14.25 -15.43 -1.80
N GLN B 357 15.49 -15.87 -1.94
CA GLN B 357 15.98 -16.48 -3.17
C GLN B 357 15.40 -17.88 -3.35
N ILE B 358 15.32 -18.30 -4.61
CA ILE B 358 14.74 -19.59 -4.95
C ILE B 358 15.78 -20.48 -5.64
N ALA B 359 16.03 -21.63 -5.01
CA ALA B 359 17.05 -22.58 -5.45
C ALA B 359 16.68 -23.23 -6.79
N SER B 360 17.70 -23.67 -7.52
CA SER B 360 17.53 -24.19 -8.88
C SER B 360 16.69 -25.47 -8.97
N ASN B 361 16.51 -26.14 -7.84
CA ASN B 361 15.77 -27.39 -7.78
C ASN B 361 14.29 -27.22 -7.43
N GLU B 362 13.88 -25.98 -7.20
CA GLU B 362 12.52 -25.70 -6.76
C GLU B 362 11.52 -25.70 -7.92
N ASN B 363 10.34 -26.26 -7.67
CA ASN B 363 9.29 -26.33 -8.70
C ASN B 363 8.61 -24.98 -8.96
N MET B 364 8.75 -24.47 -10.18
CA MET B 364 8.19 -23.18 -10.56
C MET B 364 6.67 -23.22 -10.72
N GLU B 365 6.12 -24.41 -10.92
CA GLU B 365 4.67 -24.57 -11.11
C GLU B 365 3.88 -24.33 -9.82
N THR B 366 4.55 -24.43 -8.68
CA THR B 366 3.94 -24.18 -7.38
C THR B 366 4.05 -22.70 -6.98
N MET B 367 4.84 -21.94 -7.73
CA MET B 367 5.17 -20.56 -7.37
C MET B 367 4.06 -19.58 -7.71
N GLU B 368 3.81 -18.66 -6.78
CA GLU B 368 2.92 -17.52 -6.99
C GLU B 368 3.68 -16.26 -6.60
N SER B 369 3.18 -15.09 -7.01
CA SER B 369 3.82 -13.83 -6.67
C SER B 369 2.91 -12.94 -5.83
N SER B 370 3.47 -12.40 -4.76
CA SER B 370 2.72 -11.55 -3.84
C SER B 370 3.44 -10.25 -3.58
N THR B 371 2.66 -9.18 -3.46
CA THR B 371 3.14 -7.87 -3.03
C THR B 371 3.81 -8.00 -1.66
N LEU B 372 4.99 -7.43 -1.53
CA LEU B 372 5.65 -7.31 -0.24
C LEU B 372 5.12 -6.07 0.45
N GLU B 373 4.58 -6.25 1.66
CA GLU B 373 4.15 -5.11 2.46
C GLU B 373 5.35 -4.56 3.23
N LEU B 374 5.88 -3.44 2.76
CA LEU B 374 7.13 -2.89 3.29
C LEU B 374 6.96 -1.52 3.97
N ARG B 375 5.73 -1.02 4.01
CA ARG B 375 5.43 0.26 4.65
C ARG B 375 5.68 0.24 6.17
N SER B 376 5.47 1.37 6.82
CA SER B 376 5.63 1.49 8.27
C SER B 376 4.64 2.49 8.86
N ARG B 377 4.24 2.25 10.11
CA ARG B 377 3.38 3.18 10.84
C ARG B 377 4.16 4.44 11.22
N TYR B 378 5.40 4.27 11.65
CA TYR B 378 6.27 5.38 12.02
C TYR B 378 7.63 5.30 11.32
N TRP B 379 8.48 6.29 11.56
CA TRP B 379 9.90 6.18 11.19
C TRP B 379 10.78 6.61 12.35
N ALA B 380 12.04 6.14 12.32
CA ALA B 380 13.02 6.51 13.33
C ALA B 380 14.41 6.59 12.71
N ILE B 381 15.22 7.53 13.19
CA ILE B 381 16.60 7.68 12.74
C ILE B 381 17.39 6.42 13.04
N ARG B 382 18.26 6.04 12.11
CA ARG B 382 19.14 4.90 12.33
C ARG B 382 20.44 5.35 12.94
N THR B 383 20.87 4.63 13.98
CA THR B 383 21.96 5.09 14.83
C THR B 383 23.28 4.39 14.57
N ARG B 384 24.36 5.13 14.80
CA ARG B 384 25.71 4.59 14.78
C ARG B 384 26.12 4.21 16.21
N SER B 385 25.30 4.61 17.18
CA SER B 385 25.61 4.40 18.59
C SER B 385 25.03 3.11 19.15
N GLY B 386 25.74 2.52 20.10
CA GLY B 386 25.29 1.32 20.82
C GLY B 386 24.55 1.68 22.09
N GLY B 397 20.14 17.25 34.79
CA GLY B 397 19.33 17.78 35.89
C GLY B 397 19.15 16.79 37.02
N GLN B 398 17.91 16.67 37.51
CA GLN B 398 17.57 15.79 38.64
C GLN B 398 17.94 14.32 38.38
N ILE B 399 18.95 13.84 39.11
CA ILE B 399 19.43 12.46 38.96
C ILE B 399 18.68 11.48 39.88
N SER B 400 18.48 11.87 41.14
CA SER B 400 17.75 11.06 42.11
C SER B 400 16.46 11.72 42.59
N ILE B 401 15.70 11.00 43.40
CA ILE B 401 14.43 11.51 43.93
C ILE B 401 14.42 11.41 45.46
N GLN B 402 13.97 12.48 46.11
CA GLN B 402 13.82 12.48 47.57
C GLN B 402 12.34 12.34 47.92
N PRO B 403 11.99 11.26 48.66
CA PRO B 403 10.59 10.98 49.00
C PRO B 403 9.98 12.03 49.94
N THR B 404 8.76 12.43 49.63
CA THR B 404 8.00 13.33 50.48
C THR B 404 6.89 12.56 51.19
N PHE B 405 6.25 11.65 50.47
CA PHE B 405 5.09 10.90 50.98
C PHE B 405 5.44 9.46 51.38
N SER B 406 4.86 9.02 52.50
CA SER B 406 4.99 7.65 52.99
C SER B 406 4.09 6.71 52.17
N VAL B 407 4.59 6.26 51.03
CA VAL B 407 3.85 5.40 50.10
C VAL B 407 4.78 4.30 49.57
N GLN B 408 4.23 3.10 49.40
CA GLN B 408 4.99 1.97 48.83
C GLN B 408 5.30 2.20 47.36
N ARG B 409 6.57 2.03 47.00
CA ARG B 409 7.08 2.37 45.68
C ARG B 409 8.57 2.06 45.62
N ASN B 410 9.09 2.01 44.39
CA ASN B 410 10.52 2.07 44.16
C ASN B 410 10.98 3.52 44.32
N LEU B 411 12.20 3.70 44.80
CA LEU B 411 12.80 5.04 44.87
C LEU B 411 13.80 5.20 43.73
N PRO B 412 13.34 5.74 42.59
CA PRO B 412 14.14 5.73 41.37
C PRO B 412 15.33 6.70 41.40
N PHE B 413 16.47 6.20 40.92
CA PHE B 413 17.67 7.00 40.73
C PHE B 413 18.48 6.39 39.58
N ASP B 414 19.04 7.25 38.73
CA ASP B 414 19.82 6.81 37.58
C ASP B 414 21.17 6.27 38.04
N ARG B 415 21.33 4.94 37.91
CA ARG B 415 22.48 4.22 38.45
C ARG B 415 23.84 4.54 37.80
N PRO B 416 23.91 4.59 36.44
CA PRO B 416 25.19 4.92 35.80
C PRO B 416 25.76 6.28 36.20
N THR B 417 24.98 7.35 36.01
CA THR B 417 25.44 8.72 36.24
C THR B 417 25.88 9.00 37.68
N ILE B 418 25.45 8.16 38.62
CA ILE B 418 25.87 8.29 40.01
C ILE B 418 27.09 7.42 40.30
N MET B 419 27.03 6.15 39.89
CA MET B 419 28.10 5.18 40.17
C MET B 419 29.36 5.44 39.36
N ALA B 420 29.19 5.65 38.04
CA ALA B 420 30.29 5.98 37.15
C ALA B 420 30.68 7.46 37.35
N ALA B 421 31.36 7.72 38.47
CA ALA B 421 31.78 9.07 38.83
C ALA B 421 33.03 9.02 39.71
N ARG B 434 41.75 -4.42 31.63
CA ARG B 434 40.96 -5.63 31.43
C ARG B 434 40.07 -5.96 32.62
N THR B 435 40.54 -5.63 33.83
CA THR B 435 39.80 -5.87 35.06
C THR B 435 38.61 -4.93 35.23
N GLU B 436 38.73 -3.73 34.67
CA GLU B 436 37.67 -2.72 34.73
C GLU B 436 36.48 -3.06 33.82
N ILE B 437 36.76 -3.73 32.71
CA ILE B 437 35.73 -4.14 31.75
C ILE B 437 34.75 -5.14 32.35
N ILE B 438 35.29 -6.11 33.11
CA ILE B 438 34.46 -7.06 33.85
C ILE B 438 33.61 -6.34 34.89
N ARG B 439 34.22 -5.35 35.55
CA ARG B 439 33.53 -4.50 36.54
C ARG B 439 32.43 -3.67 35.89
N LEU B 440 32.73 -3.10 34.72
CA LEU B 440 31.74 -2.33 33.95
C LEU B 440 30.55 -3.20 33.52
N MET B 441 30.84 -4.36 32.93
CA MET B 441 29.81 -5.30 32.48
C MET B 441 28.88 -5.76 33.61
N GLU B 442 29.45 -5.98 34.79
CA GLU B 442 28.68 -6.40 35.97
C GLU B 442 27.87 -5.24 36.54
N SER B 443 28.41 -4.04 36.43
CA SER B 443 27.71 -2.82 36.87
C SER B 443 26.46 -2.55 36.04
N ALA B 444 26.57 -2.79 34.74
CA ALA B 444 25.48 -2.57 33.78
C ALA B 444 24.29 -3.51 34.02
N ARG B 445 23.12 -3.10 33.53
CA ARG B 445 21.88 -3.83 33.73
C ARG B 445 21.01 -3.81 32.48
N PRO B 446 20.20 -4.88 32.25
CA PRO B 446 19.29 -4.96 31.11
C PRO B 446 18.18 -3.91 31.11
N GLU B 447 17.86 -3.35 32.27
CA GLU B 447 16.78 -2.37 32.39
C GLU B 447 17.26 -0.91 32.42
N ASP B 448 18.55 -0.70 32.22
CA ASP B 448 19.11 0.64 32.05
C ASP B 448 18.57 1.26 30.77
N VAL B 449 18.11 2.50 30.86
CA VAL B 449 17.58 3.20 29.68
C VAL B 449 18.69 3.86 28.85
N SER B 450 18.52 3.79 27.53
CA SER B 450 19.47 4.33 26.58
C SER B 450 18.73 5.13 25.51
N PHE B 451 19.46 5.99 24.79
CA PHE B 451 18.87 6.94 23.84
C PHE B 451 17.77 7.77 24.51
N GLN B 452 18.06 8.24 25.72
CA GLN B 452 17.06 8.91 26.56
C GLN B 452 16.50 10.17 25.89
N GLY B 453 15.17 10.28 25.87
CA GLY B 453 14.50 11.42 25.27
C GLY B 453 14.16 11.24 23.81
N ARG B 454 14.90 10.36 23.12
CA ARG B 454 14.68 10.08 21.70
C ARG B 454 13.43 9.22 21.48
N GLY B 455 12.74 9.46 20.37
CA GLY B 455 11.54 8.70 20.01
C GLY B 455 11.36 8.51 18.52
N VAL B 456 10.28 7.85 18.14
CA VAL B 456 9.92 7.69 16.72
C VAL B 456 9.20 8.94 16.20
N PHE B 457 8.97 8.99 14.90
CA PHE B 457 8.27 10.13 14.29
C PHE B 457 7.13 9.68 13.40
N GLU B 458 6.17 10.58 13.20
CA GLU B 458 5.08 10.38 12.25
C GLU B 458 5.67 10.43 10.82
N LEU B 459 5.01 9.72 9.90
CA LEU B 459 5.42 9.73 8.49
C LEU B 459 5.42 11.14 7.91
N SER B 460 4.42 11.94 8.30
CA SER B 460 4.29 13.31 7.82
C SER B 460 5.27 14.29 8.51
N ASP B 461 5.90 13.83 9.59
CA ASP B 461 6.87 14.64 10.32
C ASP B 461 8.23 14.59 9.61
N GLU B 462 8.37 15.40 8.56
CA GLU B 462 9.56 15.43 7.72
C GLU B 462 10.83 15.75 8.49
N LYS B 463 10.74 16.68 9.43
CA LYS B 463 11.86 17.01 10.32
C LYS B 463 11.81 16.14 11.59
N ALA B 464 12.81 16.28 12.45
CA ALA B 464 12.84 15.55 13.71
C ALA B 464 12.18 16.37 14.82
N THR B 465 10.94 16.77 14.57
CA THR B 465 10.24 17.73 15.42
C THR B 465 9.72 17.09 16.71
N SER B 466 8.69 16.27 16.58
CA SER B 466 8.03 15.67 17.74
C SER B 466 8.35 14.19 17.90
N PRO B 467 9.30 13.87 18.79
CA PRO B 467 9.66 12.48 19.10
C PRO B 467 8.55 11.79 19.90
N ILE B 468 8.34 10.51 19.63
CA ILE B 468 7.34 9.71 20.34
C ILE B 468 8.01 8.56 21.10
N VAL B 469 8.20 8.76 22.40
CA VAL B 469 8.83 7.75 23.26
C VAL B 469 7.82 6.67 23.69
N PRO B 470 8.06 5.41 23.30
CA PRO B 470 7.09 4.33 23.53
C PRO B 470 7.19 3.65 24.89
N SER B 471 6.04 3.32 25.46
CA SER B 471 5.96 2.56 26.70
C SER B 471 5.92 1.06 26.38
N PHE B 472 7.01 0.36 26.73
CA PHE B 472 7.14 -1.06 26.47
C PHE B 472 7.21 -1.86 27.77
N SER B 479 11.91 -10.32 22.28
CA SER B 479 12.78 -9.23 21.86
C SER B 479 13.90 -9.64 20.91
N TYR B 480 14.37 -10.89 21.03
CA TYR B 480 15.42 -11.41 20.16
C TYR B 480 14.81 -12.10 18.94
N PHE B 481 15.27 -11.68 17.76
CA PHE B 481 14.82 -12.28 16.50
C PHE B 481 15.33 -13.70 16.36
N PHE B 482 16.58 -13.92 16.77
CA PHE B 482 17.19 -15.25 16.75
C PHE B 482 17.24 -15.85 18.16
N GLY B 483 16.14 -15.73 18.89
CA GLY B 483 16.05 -16.21 20.27
C GLY B 483 15.95 -17.72 20.38
#